data_4H31
#
_entry.id   4H31
#
_cell.length_a   74.262
_cell.length_b   80.911
_cell.length_c   152.733
_cell.angle_alpha   90.00
_cell.angle_beta   90.00
_cell.angle_gamma   90.00
#
_symmetry.space_group_name_H-M   'P 21 21 21'
#
loop_
_entity.id
_entity.type
_entity.pdbx_description
1 polymer 'Ornithine carbamoyltransferase'
2 non-polymer NORVALINE
3 non-polymer 'PHOSPHORIC ACID MONO(FORMAMIDE)ESTER'
4 non-polymer 3,6,9,12,15,18,21,24-OCTAOXAHEXACOSAN-1-OL
5 non-polymer DI(HYDROXYETHYL)ETHER
6 non-polymer 'CHLORIDE ION'
7 water water
#
_entity_poly.entity_id   1
_entity_poly.type   'polypeptide(L)'
_entity_poly.pdbx_seq_one_letter_code
;MHHHHHHSSGVDLGTENLYFQSNAMAFNLRNRNFLKLLDFSTKEIQFLIDLSADLKKAKYAGTEQKKLLGKNIALIFEKA
STRTRCAFEVAAFDQGAQVTYIGPSGSQIGDKESMKDTARVLGRMYDGIQYRGFGQAIVEELGAFAGVPVWNGLTDEFHP
TQILADFLTMLEHSQGKALADIQFAYLGDARNNVGNSLMVGAAKMGMDIRLVGPQAYWPDEELVAACQAIAKQTGGKITL
TENVAEGVQGCDFLYTDVWVSMGESPEAWDERVALMKPYQVNMNVLKQTGNPNVKFMHCLPAFHNDETTIGKQVADKFGM
KGLEVTEEVFESEHSIVFDEAENRMHTIKAVMVATLGS
;
_entity_poly.pdbx_strand_id   A,B,C
#
loop_
_chem_comp.id
_chem_comp.type
_chem_comp.name
_chem_comp.formula
CL non-polymer 'CHLORIDE ION' 'Cl -1'
CP non-polymer 'PHOSPHORIC ACID MONO(FORMAMIDE)ESTER' 'C H4 N O5 P'
PE5 non-polymer 3,6,9,12,15,18,21,24-OCTAOXAHEXACOSAN-1-OL 'C18 H38 O9'
PEG non-polymer DI(HYDROXYETHYL)ETHER 'C4 H10 O3'
#
# COMPACT_ATOMS: atom_id res chain seq x y z
N ASN A 23 5.18 -9.58 -35.69
CA ASN A 23 4.60 -10.89 -35.25
C ASN A 23 3.12 -10.73 -35.07
N ALA A 24 2.34 -11.53 -35.80
CA ALA A 24 0.92 -11.33 -35.91
C ALA A 24 0.28 -11.40 -34.51
N MET A 25 0.70 -12.38 -33.71
CA MET A 25 0.14 -12.57 -32.36
C MET A 25 0.40 -11.33 -31.53
N ALA A 26 1.63 -10.81 -31.58
CA ALA A 26 1.95 -9.58 -30.84
C ALA A 26 1.06 -8.40 -31.23
N PHE A 27 0.82 -8.27 -32.52
CA PHE A 27 -0.01 -7.17 -33.00
C PHE A 27 -1.46 -7.26 -32.49
N ASN A 28 -2.01 -8.46 -32.56
CA ASN A 28 -3.42 -8.61 -32.20
C ASN A 28 -3.64 -8.49 -30.70
N LEU A 29 -2.55 -8.66 -29.96
CA LEU A 29 -2.62 -8.57 -28.48
C LEU A 29 -2.54 -7.16 -27.84
N ARG A 30 -2.04 -6.16 -28.59
CA ARG A 30 -1.93 -4.81 -28.09
C ARG A 30 -3.29 -4.27 -27.69
N ASN A 31 -3.37 -3.65 -26.52
CA ASN A 31 -4.57 -3.02 -26.01
CA ASN A 31 -4.55 -3.04 -25.98
C ASN A 31 -5.70 -3.97 -25.65
N ARG A 32 -5.43 -5.26 -25.58
CA ARG A 32 -6.45 -6.21 -25.20
C ARG A 32 -6.55 -6.27 -23.67
N ASN A 33 -7.74 -6.57 -23.17
CA ASN A 33 -7.89 -7.05 -21.76
C ASN A 33 -7.36 -8.48 -21.62
N PHE A 34 -7.18 -8.97 -20.40
CA PHE A 34 -6.84 -10.40 -20.15
C PHE A 34 -7.83 -10.90 -19.09
N LEU A 35 -9.08 -11.15 -19.50
CA LEU A 35 -10.18 -11.42 -18.54
C LEU A 35 -10.38 -12.93 -18.24
N LYS A 36 -10.08 -13.74 -19.24
CA LYS A 36 -10.25 -15.16 -19.17
C LYS A 36 -9.60 -15.77 -20.42
N LEU A 37 -9.19 -17.03 -20.32
CA LEU A 37 -8.58 -17.75 -21.46
C LEU A 37 -9.55 -17.98 -22.61
N LEU A 38 -10.85 -18.01 -22.35
CA LEU A 38 -11.82 -18.10 -23.41
C LEU A 38 -11.78 -16.88 -24.37
N ASP A 39 -11.06 -15.82 -24.00
CA ASP A 39 -10.97 -14.65 -24.87
C ASP A 39 -9.73 -14.67 -25.78
N PHE A 40 -8.95 -15.74 -25.76
CA PHE A 40 -7.72 -15.86 -26.55
C PHE A 40 -7.69 -17.08 -27.44
N SER A 41 -7.04 -16.95 -28.62
CA SER A 41 -6.83 -18.09 -29.47
C SER A 41 -5.78 -19.03 -28.91
N THR A 42 -5.77 -20.25 -29.43
CA THR A 42 -4.66 -21.21 -29.13
C THR A 42 -3.29 -20.58 -29.39
N LYS A 43 -3.11 -19.96 -30.55
CA LYS A 43 -1.79 -19.37 -30.86
C LYS A 43 -1.44 -18.16 -30.02
N GLU A 44 -2.41 -17.37 -29.61
CA GLU A 44 -2.16 -16.25 -28.70
C GLU A 44 -1.64 -16.74 -27.33
N ILE A 45 -2.28 -17.80 -26.82
CA ILE A 45 -1.89 -18.36 -25.56
C ILE A 45 -0.46 -18.94 -25.67
N GLN A 46 -0.17 -19.66 -26.75
CA GLN A 46 1.20 -20.13 -26.98
C GLN A 46 2.21 -18.97 -27.04
N PHE A 47 1.85 -17.94 -27.78
CA PHE A 47 2.67 -16.74 -27.82
C PHE A 47 2.99 -16.17 -26.45
N LEU A 48 1.97 -16.06 -25.59
CA LEU A 48 2.18 -15.47 -24.23
C LEU A 48 3.12 -16.38 -23.44
N ILE A 49 2.96 -17.71 -23.61
CA ILE A 49 3.89 -18.67 -22.93
C ILE A 49 5.30 -18.51 -23.43
N ASP A 50 5.47 -18.40 -24.76
CA ASP A 50 6.78 -18.25 -25.39
C ASP A 50 7.41 -16.95 -24.95
N LEU A 51 6.64 -15.88 -24.93
CA LEU A 51 7.14 -14.57 -24.47
C LEU A 51 7.58 -14.62 -22.99
N SER A 52 6.83 -15.31 -22.14
CA SER A 52 7.17 -15.51 -20.75
C SER A 52 8.54 -16.16 -20.59
N ALA A 53 8.80 -17.16 -21.41
CA ALA A 53 10.07 -17.89 -21.36
C ALA A 53 11.19 -16.97 -21.78
N ASP A 54 10.97 -16.18 -22.81
CA ASP A 54 11.99 -15.20 -23.29
C ASP A 54 12.29 -14.16 -22.18
N LEU A 55 11.24 -13.64 -21.56
CA LEU A 55 11.42 -12.65 -20.50
C LEU A 55 12.08 -13.25 -19.24
N LYS A 56 11.77 -14.50 -18.95
CA LYS A 56 12.45 -15.21 -17.87
C LYS A 56 13.95 -15.32 -18.17
N LYS A 57 14.27 -15.79 -19.36
CA LYS A 57 15.69 -15.92 -19.80
C LYS A 57 16.36 -14.55 -19.72
N ALA A 58 15.70 -13.49 -20.13
CA ALA A 58 16.26 -12.15 -20.13
C ALA A 58 16.57 -11.67 -18.70
N LYS A 59 15.67 -11.92 -17.75
CA LYS A 59 15.88 -11.48 -16.39
C LYS A 59 17.10 -12.25 -15.81
N TYR A 60 17.14 -13.54 -16.05
CA TYR A 60 18.23 -14.35 -15.50
C TYR A 60 19.60 -13.94 -16.11
N ALA A 61 19.58 -13.51 -17.37
CA ALA A 61 20.83 -13.20 -18.07
C ALA A 61 21.28 -11.79 -17.77
N GLY A 62 20.42 -11.01 -17.12
CA GLY A 62 20.68 -9.57 -16.94
C GLY A 62 20.48 -8.71 -18.19
N THR A 63 19.74 -9.21 -19.18
CA THR A 63 19.56 -8.53 -20.45
C THR A 63 18.14 -7.99 -20.71
N GLU A 64 17.35 -7.88 -19.66
CA GLU A 64 15.95 -7.51 -19.86
C GLU A 64 15.82 -6.05 -20.28
N GLN A 65 15.07 -5.78 -21.34
CA GLN A 65 14.80 -4.39 -21.79
C GLN A 65 13.49 -3.91 -21.16
N LYS A 66 13.43 -2.64 -20.77
CA LYS A 66 12.23 -2.08 -20.16
C LYS A 66 11.20 -1.60 -21.12
N LYS A 67 10.27 -2.46 -21.49
CA LYS A 67 9.27 -2.10 -22.48
C LYS A 67 8.09 -1.29 -21.94
N LEU A 68 7.97 -1.22 -20.58
CA LEU A 68 6.85 -0.53 -19.94
C LEU A 68 7.35 0.78 -19.28
N LEU A 69 8.47 1.32 -19.77
CA LEU A 69 9.04 2.53 -19.16
CA LEU A 69 9.04 2.56 -19.21
C LEU A 69 8.01 3.67 -19.24
N GLY A 70 7.74 4.27 -18.07
CA GLY A 70 6.81 5.39 -17.96
C GLY A 70 5.34 5.00 -17.84
N LYS A 71 5.05 3.70 -17.89
CA LYS A 71 3.64 3.25 -17.74
C LYS A 71 3.31 3.13 -16.25
N ASN A 72 2.04 3.41 -15.90
CA ASN A 72 1.57 3.32 -14.51
C ASN A 72 0.42 2.34 -14.50
N ILE A 73 0.38 1.43 -13.53
CA ILE A 73 -0.61 0.40 -13.44
CA ILE A 73 -0.65 0.44 -13.45
C ILE A 73 -1.31 0.48 -12.08
N ALA A 74 -2.63 0.23 -12.07
CA ALA A 74 -3.40 0.17 -10.83
C ALA A 74 -3.76 -1.26 -10.54
N LEU A 75 -3.56 -1.70 -9.29
CA LEU A 75 -3.86 -3.08 -8.88
C LEU A 75 -4.98 -3.04 -7.84
N ILE A 76 -6.16 -3.46 -8.22
CA ILE A 76 -7.32 -3.47 -7.33
C ILE A 76 -7.41 -4.87 -6.73
N PHE A 77 -7.36 -4.97 -5.40
CA PHE A 77 -7.56 -6.25 -4.72
C PHE A 77 -8.77 -6.23 -3.80
N GLU A 78 -9.77 -7.08 -4.06
CA GLU A 78 -10.90 -7.23 -3.17
C GLU A 78 -10.81 -8.55 -2.37
N LYS A 79 -9.87 -9.43 -2.72
CA LYS A 79 -9.51 -10.65 -1.96
C LYS A 79 -8.02 -10.51 -1.69
N ALA A 80 -7.57 -11.24 -0.66
CA ALA A 80 -6.18 -11.35 -0.33
C ALA A 80 -5.33 -12.01 -1.40
N SER A 81 -4.02 -11.72 -1.39
CA SER A 81 -3.08 -12.28 -2.39
C SER A 81 -1.65 -12.12 -1.90
N THR A 82 -0.84 -13.15 -2.12
CA THR A 82 0.60 -13.03 -2.04
C THR A 82 1.25 -13.14 -3.43
N ARG A 83 1.07 -14.27 -4.11
CA ARG A 83 1.71 -14.47 -5.40
C ARG A 83 1.25 -13.48 -6.47
N THR A 84 -0.05 -13.29 -6.64
CA THR A 84 -0.51 -12.45 -7.75
C THR A 84 -0.15 -10.98 -7.57
N ARG A 85 -0.39 -10.48 -6.38
CA ARG A 85 0.03 -9.12 -6.08
C ARG A 85 1.51 -8.95 -6.32
N CYS A 86 2.30 -9.77 -5.68
CA CYS A 86 3.74 -9.67 -5.85
C CYS A 86 4.22 -9.85 -7.29
N ALA A 87 3.63 -10.78 -8.04
CA ALA A 87 3.98 -10.99 -9.41
C ALA A 87 3.72 -9.72 -10.25
N PHE A 88 2.56 -9.11 -10.08
CA PHE A 88 2.26 -7.86 -10.80
C PHE A 88 3.25 -6.74 -10.45
N GLU A 89 3.56 -6.59 -9.19
CA GLU A 89 4.48 -5.55 -8.78
C GLU A 89 5.88 -5.76 -9.33
N VAL A 90 6.46 -6.91 -9.11
CA VAL A 90 7.80 -7.17 -9.56
C VAL A 90 7.90 -7.17 -11.07
N ALA A 91 6.88 -7.70 -11.75
CA ALA A 91 6.89 -7.66 -13.23
C ALA A 91 6.89 -6.21 -13.75
N ALA A 92 6.04 -5.38 -13.18
CA ALA A 92 6.03 -3.94 -13.51
C ALA A 92 7.34 -3.27 -13.22
N PHE A 93 7.86 -3.45 -11.99
CA PHE A 93 9.12 -2.86 -11.64
C PHE A 93 10.25 -3.22 -12.63
N ASP A 94 10.38 -4.49 -12.94
CA ASP A 94 11.43 -4.97 -13.82
C ASP A 94 11.33 -4.34 -15.21
N GLN A 95 10.10 -4.06 -15.64
CA GLN A 95 9.80 -3.55 -16.97
C GLN A 95 9.75 -1.99 -17.01
N GLY A 96 10.03 -1.31 -15.90
CA GLY A 96 10.08 0.15 -15.88
C GLY A 96 8.79 0.85 -15.55
N ALA A 97 7.75 0.11 -15.23
CA ALA A 97 6.45 0.67 -14.85
C ALA A 97 6.40 0.93 -13.34
N GLN A 98 5.44 1.76 -12.93
CA GLN A 98 5.15 2.04 -11.52
CA GLN A 98 5.17 2.00 -11.53
C GLN A 98 3.75 1.53 -11.21
N VAL A 99 3.50 1.26 -9.93
CA VAL A 99 2.18 0.65 -9.56
CA VAL A 99 2.29 0.59 -9.50
C VAL A 99 1.55 1.34 -8.37
N THR A 100 0.22 1.32 -8.36
CA THR A 100 -0.58 1.72 -7.22
C THR A 100 -1.40 0.55 -6.76
N TYR A 101 -1.24 0.15 -5.50
CA TYR A 101 -2.03 -0.95 -4.89
C TYR A 101 -3.24 -0.37 -4.19
N ILE A 102 -4.45 -0.85 -4.57
CA ILE A 102 -5.69 -0.35 -4.04
C ILE A 102 -6.37 -1.55 -3.41
N GLY A 103 -6.29 -1.58 -2.08
CA GLY A 103 -6.46 -2.80 -1.30
C GLY A 103 -7.91 -2.88 -0.93
N PRO A 104 -8.28 -3.93 -0.09
CA PRO A 104 -9.68 -4.17 0.30
C PRO A 104 -10.41 -2.96 0.91
N SER A 105 -9.68 -2.04 1.56
CA SER A 105 -10.25 -0.76 1.94
C SER A 105 -9.22 0.39 1.75
N GLY A 106 -9.66 1.59 2.09
CA GLY A 106 -8.87 2.82 1.85
C GLY A 106 -9.29 3.59 0.61
N SER A 107 -10.11 2.95 -0.24
CA SER A 107 -10.53 3.66 -1.47
C SER A 107 -12.04 3.82 -1.43
N GLN A 108 -12.58 4.50 -2.45
CA GLN A 108 -14.02 4.64 -2.50
C GLN A 108 -14.80 3.45 -3.13
N ILE A 109 -14.09 2.43 -3.58
CA ILE A 109 -14.67 1.34 -4.40
C ILE A 109 -15.72 0.56 -3.57
N GLY A 110 -16.91 0.42 -4.15
CA GLY A 110 -17.93 -0.51 -3.66
C GLY A 110 -18.89 0.10 -2.67
N ASP A 111 -18.39 0.73 -1.64
CA ASP A 111 -19.29 1.42 -0.71
C ASP A 111 -19.78 2.77 -1.19
N LYS A 112 -18.86 3.53 -1.77
CA LYS A 112 -19.12 4.90 -2.17
C LYS A 112 -19.07 5.16 -3.67
N GLU A 113 -18.54 4.23 -4.45
CA GLU A 113 -18.40 4.44 -5.88
C GLU A 113 -18.58 3.17 -6.65
N SER A 114 -19.38 3.24 -7.70
CA SER A 114 -19.67 2.06 -8.53
C SER A 114 -18.42 1.55 -9.27
N MET A 115 -18.43 0.28 -9.64
CA MET A 115 -17.34 -0.19 -10.51
C MET A 115 -17.29 0.53 -11.88
N LYS A 116 -18.44 0.81 -12.48
CA LYS A 116 -18.42 1.51 -13.73
C LYS A 116 -17.68 2.87 -13.61
N ASP A 117 -17.94 3.59 -12.52
CA ASP A 117 -17.32 4.88 -12.32
C ASP A 117 -15.86 4.67 -12.01
N THR A 118 -15.53 3.75 -11.12
CA THR A 118 -14.14 3.49 -10.78
C THR A 118 -13.31 3.18 -12.05
N ALA A 119 -13.85 2.31 -12.90
CA ALA A 119 -13.23 1.92 -14.14
C ALA A 119 -12.89 3.12 -14.97
N ARG A 120 -13.86 4.00 -15.17
CA ARG A 120 -13.64 5.18 -16.01
C ARG A 120 -12.62 6.15 -15.40
N VAL A 121 -12.63 6.32 -14.08
CA VAL A 121 -11.68 7.20 -13.45
C VAL A 121 -10.26 6.64 -13.56
N LEU A 122 -10.09 5.37 -13.19
CA LEU A 122 -8.76 4.71 -13.28
C LEU A 122 -8.24 4.72 -14.72
N GLY A 123 -9.16 4.54 -15.66
CA GLY A 123 -8.83 4.54 -17.06
C GLY A 123 -8.26 5.86 -17.55
N ARG A 124 -8.68 6.96 -16.94
CA ARG A 124 -8.11 8.27 -17.24
C ARG A 124 -6.67 8.52 -16.73
N MET A 125 -6.29 7.85 -15.66
CA MET A 125 -4.98 8.05 -15.05
C MET A 125 -3.94 6.98 -15.32
N TYR A 126 -4.36 5.71 -15.40
CA TYR A 126 -3.45 4.59 -15.52
C TYR A 126 -3.46 4.00 -16.90
N ASP A 127 -2.35 3.34 -17.25
CA ASP A 127 -2.22 2.66 -18.55
C ASP A 127 -2.78 1.25 -18.58
N GLY A 128 -2.93 0.64 -17.39
CA GLY A 128 -3.51 -0.70 -17.25
C GLY A 128 -3.96 -0.92 -15.81
N ILE A 129 -4.85 -1.88 -15.64
CA ILE A 129 -5.48 -2.14 -14.37
C ILE A 129 -5.60 -3.64 -14.14
N GLN A 130 -5.18 -4.09 -12.97
CA GLN A 130 -5.41 -5.45 -12.54
C GLN A 130 -6.60 -5.44 -11.58
N TYR A 131 -7.40 -6.49 -11.62
CA TYR A 131 -8.48 -6.68 -10.66
C TYR A 131 -8.51 -8.11 -10.15
N ARG A 132 -8.55 -8.27 -8.84
CA ARG A 132 -8.82 -9.55 -8.23
C ARG A 132 -10.00 -9.37 -7.33
N GLY A 133 -10.96 -10.25 -7.46
CA GLY A 133 -12.14 -10.15 -6.64
C GLY A 133 -13.17 -11.23 -6.83
N PHE A 134 -14.42 -10.81 -6.92
CA PHE A 134 -15.54 -11.74 -6.77
C PHE A 134 -16.06 -12.16 -8.16
N GLY A 135 -17.31 -11.83 -8.50
CA GLY A 135 -17.87 -12.39 -9.73
C GLY A 135 -17.07 -11.97 -10.96
N GLN A 136 -16.95 -12.91 -11.89
CA GLN A 136 -16.43 -12.59 -13.22
C GLN A 136 -17.16 -11.39 -13.86
N ALA A 137 -18.47 -11.26 -13.55
CA ALA A 137 -19.23 -10.14 -14.08
C ALA A 137 -18.62 -8.79 -13.70
N ILE A 138 -18.06 -8.68 -12.51
CA ILE A 138 -17.40 -7.44 -12.11
C ILE A 138 -16.17 -7.13 -12.94
N VAL A 139 -15.32 -8.13 -13.16
CA VAL A 139 -14.12 -7.89 -13.96
C VAL A 139 -14.51 -7.57 -15.41
N GLU A 140 -15.57 -8.22 -15.89
CA GLU A 140 -16.06 -7.93 -17.23
C GLU A 140 -16.59 -6.50 -17.36
N GLU A 141 -17.26 -6.00 -16.33
CA GLU A 141 -17.71 -4.61 -16.30
C GLU A 141 -16.53 -3.65 -16.31
N LEU A 142 -15.56 -3.91 -15.45
CA LEU A 142 -14.35 -3.10 -15.41
C LEU A 142 -13.65 -3.08 -16.78
N GLY A 143 -13.53 -4.27 -17.40
CA GLY A 143 -12.93 -4.42 -18.70
C GLY A 143 -13.67 -3.72 -19.83
N ALA A 144 -15.00 -3.60 -19.72
CA ALA A 144 -15.80 -2.90 -20.70
C ALA A 144 -15.68 -1.39 -20.54
N PHE A 145 -15.62 -0.92 -19.29
CA PHE A 145 -15.69 0.51 -19.01
C PHE A 145 -14.39 1.28 -18.89
N ALA A 146 -13.29 0.58 -18.62
CA ALA A 146 -12.05 1.29 -18.31
C ALA A 146 -11.40 2.00 -19.47
N GLY A 147 -11.42 1.38 -20.65
CA GLY A 147 -10.78 2.03 -21.81
C GLY A 147 -9.28 1.81 -21.88
N VAL A 148 -8.73 1.06 -20.94
CA VAL A 148 -7.34 0.60 -20.96
C VAL A 148 -7.37 -0.91 -20.67
N PRO A 149 -6.25 -1.63 -20.89
CA PRO A 149 -6.26 -3.08 -20.56
C PRO A 149 -6.57 -3.38 -19.12
N VAL A 150 -7.48 -4.31 -18.91
CA VAL A 150 -7.83 -4.87 -17.61
C VAL A 150 -7.47 -6.34 -17.53
N TRP A 151 -6.75 -6.72 -16.48
CA TRP A 151 -6.21 -8.07 -16.32
C TRP A 151 -6.85 -8.71 -15.10
N ASN A 152 -7.41 -9.90 -15.29
CA ASN A 152 -8.04 -10.61 -14.19
C ASN A 152 -7.02 -11.41 -13.39
N GLY A 153 -6.81 -10.99 -12.15
CA GLY A 153 -5.86 -11.57 -11.22
C GLY A 153 -6.48 -12.60 -10.30
N LEU A 154 -7.72 -12.93 -10.64
CA LEU A 154 -8.58 -13.95 -10.04
C LEU A 154 -9.98 -13.43 -9.76
N THR A 155 -10.95 -14.24 -10.15
CA THR A 155 -12.35 -14.07 -9.85
C THR A 155 -12.88 -15.40 -9.33
N ASP A 156 -14.11 -15.40 -8.87
CA ASP A 156 -14.73 -16.62 -8.36
C ASP A 156 -14.64 -17.72 -9.46
N GLU A 157 -14.82 -17.34 -10.75
CA GLU A 157 -14.95 -18.29 -11.82
C GLU A 157 -13.72 -18.68 -12.55
N PHE A 158 -12.77 -17.75 -12.69
CA PHE A 158 -11.58 -17.98 -13.51
C PHE A 158 -10.31 -17.39 -12.89
N HIS A 159 -9.17 -17.98 -13.24
CA HIS A 159 -7.86 -17.54 -12.78
C HIS A 159 -6.84 -17.71 -13.88
N PRO A 160 -6.98 -16.90 -14.92
CA PRO A 160 -6.24 -17.09 -16.18
C PRO A 160 -4.72 -16.95 -16.12
N THR A 161 -4.22 -16.02 -15.32
CA THR A 161 -2.79 -15.84 -15.24
C THR A 161 -2.12 -17.04 -14.55
N GLN A 162 -2.83 -17.69 -13.66
CA GLN A 162 -2.29 -18.85 -12.97
C GLN A 162 -1.97 -19.96 -14.01
N ILE A 163 -2.92 -20.18 -14.92
CA ILE A 163 -2.81 -21.29 -15.85
C ILE A 163 -1.68 -21.01 -16.84
N LEU A 164 -1.45 -19.74 -17.23
CA LEU A 164 -0.25 -19.45 -18.05
C LEU A 164 1.01 -19.90 -17.35
N ALA A 165 1.11 -19.59 -16.07
CA ALA A 165 2.26 -20.01 -15.27
C ALA A 165 2.40 -21.49 -15.18
N ASP A 166 1.28 -22.18 -14.96
CA ASP A 166 1.23 -23.60 -14.90
C ASP A 166 1.70 -24.27 -16.20
N PHE A 167 1.29 -23.75 -17.33
CA PHE A 167 1.70 -24.35 -18.58
C PHE A 167 3.16 -24.05 -18.90
N LEU A 168 3.66 -22.84 -18.58
CA LEU A 168 5.12 -22.62 -18.69
C LEU A 168 5.93 -23.61 -17.83
N THR A 169 5.44 -23.85 -16.61
CA THR A 169 6.07 -24.77 -15.71
C THR A 169 6.05 -26.23 -16.23
N MET A 170 4.91 -26.66 -16.77
CA MET A 170 4.80 -27.98 -17.32
C MET A 170 5.77 -28.14 -18.51
N LEU A 171 5.89 -27.11 -19.36
CA LEU A 171 6.83 -27.18 -20.48
C LEU A 171 8.26 -27.24 -20.02
N GLU A 172 8.59 -26.51 -18.97
CA GLU A 172 9.98 -26.51 -18.46
C GLU A 172 10.35 -27.84 -17.85
N HIS A 173 9.34 -28.58 -17.31
CA HIS A 173 9.55 -29.85 -16.66
C HIS A 173 9.21 -31.07 -17.57
N SER A 174 9.11 -30.89 -18.87
CA SER A 174 8.66 -31.95 -19.77
C SER A 174 9.66 -32.23 -20.89
N GLN A 175 10.87 -31.70 -20.79
CA GLN A 175 11.95 -32.05 -21.72
C GLN A 175 11.61 -32.19 -23.20
N GLY A 176 11.03 -31.15 -23.75
CA GLY A 176 10.82 -31.01 -25.20
C GLY A 176 9.41 -31.35 -25.68
N LYS A 177 8.60 -32.04 -24.86
CA LYS A 177 7.19 -32.30 -25.17
C LYS A 177 6.46 -30.99 -25.37
N ALA A 178 5.51 -30.95 -26.29
CA ALA A 178 4.62 -29.79 -26.44
C ALA A 178 3.51 -29.96 -25.41
N LEU A 179 2.72 -28.91 -25.17
CA LEU A 179 1.58 -29.05 -24.28
C LEU A 179 0.65 -30.12 -24.78
N ALA A 180 0.49 -30.19 -26.10
CA ALA A 180 -0.43 -31.17 -26.71
C ALA A 180 -0.06 -32.63 -26.43
N ASP A 181 1.14 -32.86 -25.94
CA ASP A 181 1.64 -34.18 -25.60
C ASP A 181 1.48 -34.49 -24.11
N ILE A 182 0.97 -33.56 -23.33
CA ILE A 182 1.01 -33.70 -21.85
C ILE A 182 -0.32 -34.20 -21.37
N GLN A 183 -0.26 -35.11 -20.40
CA GLN A 183 -1.46 -35.63 -19.70
C GLN A 183 -1.42 -35.18 -18.22
N PHE A 184 -2.51 -34.64 -17.70
CA PHE A 184 -2.56 -34.22 -16.31
C PHE A 184 -3.93 -34.35 -15.69
N ALA A 185 -3.95 -34.45 -14.35
CA ALA A 185 -5.21 -34.54 -13.59
C ALA A 185 -5.22 -33.42 -12.57
N TYR A 186 -6.40 -32.84 -12.40
CA TYR A 186 -6.71 -31.89 -11.34
C TYR A 186 -7.66 -32.60 -10.39
N LEU A 187 -7.30 -32.60 -9.11
CA LEU A 187 -8.08 -33.31 -8.08
C LEU A 187 -8.80 -32.36 -7.15
N GLY A 188 -10.01 -32.70 -6.80
CA GLY A 188 -10.75 -32.03 -5.71
C GLY A 188 -11.98 -31.25 -6.21
N ASP A 189 -11.95 -29.95 -5.94
CA ASP A 189 -13.04 -29.03 -6.29
C ASP A 189 -12.85 -28.54 -7.72
N ALA A 190 -13.36 -29.32 -8.66
CA ALA A 190 -13.15 -29.09 -10.06
C ALA A 190 -13.89 -27.89 -10.63
N ARG A 191 -14.86 -27.37 -9.89
CA ARG A 191 -15.62 -26.22 -10.37
C ARG A 191 -15.18 -24.87 -9.79
N ASN A 192 -14.05 -24.86 -9.10
CA ASN A 192 -13.49 -23.60 -8.65
C ASN A 192 -12.74 -22.91 -9.78
N ASN A 193 -12.28 -21.71 -9.51
CA ASN A 193 -11.66 -20.91 -10.57
C ASN A 193 -10.51 -21.64 -11.26
N VAL A 194 -9.61 -22.26 -10.51
CA VAL A 194 -8.44 -22.87 -11.09
C VAL A 194 -8.84 -24.14 -11.92
N GLY A 195 -9.78 -24.92 -11.43
CA GLY A 195 -10.29 -26.10 -12.20
C GLY A 195 -10.91 -25.64 -13.52
N ASN A 196 -11.75 -24.61 -13.44
CA ASN A 196 -12.36 -24.07 -14.63
C ASN A 196 -11.32 -23.64 -15.64
N SER A 197 -10.37 -22.86 -15.16
CA SER A 197 -9.31 -22.38 -16.03
C SER A 197 -8.37 -23.45 -16.61
N LEU A 198 -8.05 -24.45 -15.82
CA LEU A 198 -7.21 -25.57 -16.31
C LEU A 198 -7.95 -26.28 -17.45
N MET A 199 -9.25 -26.48 -17.27
CA MET A 199 -10.01 -27.14 -18.33
C MET A 199 -10.06 -26.33 -19.62
N VAL A 200 -10.32 -25.03 -19.51
CA VAL A 200 -10.26 -24.17 -20.72
C VAL A 200 -8.89 -24.20 -21.33
N GLY A 201 -7.84 -24.01 -20.53
CA GLY A 201 -6.46 -24.00 -21.06
C GLY A 201 -6.09 -25.34 -21.70
N ALA A 202 -6.46 -26.45 -21.07
CA ALA A 202 -6.15 -27.76 -21.66
C ALA A 202 -6.85 -27.91 -23.04
N ALA A 203 -8.11 -27.50 -23.07
CA ALA A 203 -8.83 -27.56 -24.36
C ALA A 203 -8.16 -26.71 -25.45
N LYS A 204 -7.78 -25.51 -25.11
CA LYS A 204 -7.07 -24.60 -26.02
C LYS A 204 -5.78 -25.17 -26.57
N MET A 205 -5.05 -25.86 -25.69
CA MET A 205 -3.70 -26.25 -26.02
C MET A 205 -3.64 -27.72 -26.49
N GLY A 206 -4.78 -28.42 -26.57
CA GLY A 206 -4.84 -29.79 -27.08
C GLY A 206 -4.37 -30.85 -26.09
N MET A 207 -4.40 -30.52 -24.81
CA MET A 207 -3.95 -31.40 -23.75
C MET A 207 -4.98 -32.46 -23.35
N ASP A 208 -4.51 -33.46 -22.62
CA ASP A 208 -5.39 -34.48 -22.05
C ASP A 208 -5.52 -34.15 -20.57
N ILE A 209 -6.71 -33.69 -20.17
CA ILE A 209 -6.94 -33.31 -18.79
C ILE A 209 -8.03 -34.18 -18.18
N ARG A 210 -7.78 -34.62 -16.96
CA ARG A 210 -8.78 -35.37 -16.20
C ARG A 210 -9.14 -34.49 -14.98
N LEU A 211 -10.44 -34.19 -14.83
CA LEU A 211 -10.93 -33.50 -13.63
C LEU A 211 -11.47 -34.60 -12.76
N VAL A 212 -10.90 -34.71 -11.58
CA VAL A 212 -11.07 -35.88 -10.71
C VAL A 212 -11.63 -35.38 -9.38
N GLY A 213 -12.89 -35.65 -9.13
CA GLY A 213 -13.53 -35.15 -7.93
C GLY A 213 -14.97 -35.63 -7.84
N PRO A 214 -15.62 -35.28 -6.73
CA PRO A 214 -17.06 -35.61 -6.59
C PRO A 214 -17.91 -34.92 -7.66
N GLN A 215 -18.91 -35.62 -8.19
CA GLN A 215 -19.72 -35.15 -9.31
C GLN A 215 -20.38 -33.80 -9.02
N ALA A 216 -20.79 -33.59 -7.79
CA ALA A 216 -21.42 -32.32 -7.42
C ALA A 216 -20.50 -31.13 -7.61
N TYR A 217 -19.18 -31.39 -7.62
CA TYR A 217 -18.18 -30.34 -7.82
C TYR A 217 -17.51 -30.37 -9.18
N TRP A 218 -18.05 -31.09 -10.12
CA TRP A 218 -17.65 -30.94 -11.49
C TRP A 218 -18.01 -29.59 -12.08
N PRO A 219 -17.30 -29.16 -13.11
CA PRO A 219 -17.59 -27.86 -13.68
C PRO A 219 -18.94 -27.80 -14.35
N ASP A 220 -19.41 -26.58 -14.51
CA ASP A 220 -20.70 -26.30 -15.13
C ASP A 220 -20.82 -26.95 -16.49
N GLU A 221 -21.96 -27.58 -16.72
CA GLU A 221 -22.14 -28.29 -17.99
C GLU A 221 -21.97 -27.46 -19.27
N GLU A 222 -22.35 -26.20 -19.23
CA GLU A 222 -22.17 -25.28 -20.36
C GLU A 222 -20.69 -24.99 -20.62
N LEU A 223 -19.93 -24.86 -19.55
CA LEU A 223 -18.47 -24.68 -19.70
C LEU A 223 -17.82 -25.93 -20.25
N VAL A 224 -18.19 -27.11 -19.73
CA VAL A 224 -17.67 -28.37 -20.26
C VAL A 224 -17.96 -28.49 -21.76
N ALA A 225 -19.17 -28.19 -22.18
CA ALA A 225 -19.59 -28.34 -23.57
C ALA A 225 -18.79 -27.39 -24.45
N ALA A 226 -18.52 -26.18 -23.95
CA ALA A 226 -17.71 -25.21 -24.71
C ALA A 226 -16.29 -25.74 -24.86
N CYS A 227 -15.73 -26.27 -23.78
CA CYS A 227 -14.39 -26.82 -23.83
C CYS A 227 -14.28 -28.07 -24.70
N GLN A 228 -15.32 -28.92 -24.70
CA GLN A 228 -15.32 -30.09 -25.60
C GLN A 228 -15.33 -29.67 -27.07
N ALA A 229 -16.06 -28.61 -27.39
CA ALA A 229 -16.06 -28.06 -28.75
C ALA A 229 -14.66 -27.55 -29.13
N ILE A 230 -14.01 -26.80 -28.24
CA ILE A 230 -12.65 -26.28 -28.45
C ILE A 230 -11.68 -27.46 -28.66
N ALA A 231 -11.76 -28.44 -27.76
CA ALA A 231 -10.90 -29.61 -27.76
C ALA A 231 -11.00 -30.46 -29.03
N LYS A 232 -12.19 -30.55 -29.63
CA LYS A 232 -12.35 -31.32 -30.86
C LYS A 232 -11.47 -30.77 -31.97
N GLN A 233 -11.24 -29.46 -32.03
CA GLN A 233 -10.36 -28.95 -33.08
C GLN A 233 -8.86 -28.94 -32.75
N THR A 234 -8.50 -29.11 -31.48
CA THR A 234 -7.11 -29.09 -31.09
C THR A 234 -6.58 -30.49 -30.80
N GLY A 235 -7.48 -31.46 -30.74
CA GLY A 235 -7.14 -32.86 -30.36
C GLY A 235 -6.98 -33.08 -28.86
N GLY A 236 -7.52 -32.15 -28.07
CA GLY A 236 -7.56 -32.26 -26.65
C GLY A 236 -8.55 -33.30 -26.19
N LYS A 237 -8.40 -33.73 -24.94
CA LYS A 237 -9.29 -34.73 -24.34
C LYS A 237 -9.70 -34.19 -22.96
N ILE A 238 -10.99 -34.27 -22.64
CA ILE A 238 -11.50 -33.85 -21.34
C ILE A 238 -12.27 -35.02 -20.72
N THR A 239 -11.81 -35.46 -19.55
CA THR A 239 -12.40 -36.56 -18.81
C THR A 239 -12.86 -36.06 -17.45
N LEU A 240 -14.11 -36.32 -17.11
CA LEU A 240 -14.65 -36.02 -15.78
C LEU A 240 -14.85 -37.37 -15.11
N THR A 241 -14.30 -37.56 -13.91
CA THR A 241 -14.46 -38.78 -13.20
C THR A 241 -14.41 -38.60 -11.71
N GLU A 242 -15.14 -39.46 -10.98
CA GLU A 242 -15.01 -39.50 -9.54
C GLU A 242 -13.92 -40.46 -9.09
N ASN A 243 -13.39 -41.29 -10.00
CA ASN A 243 -12.47 -42.35 -9.60
CA ASN A 243 -12.47 -42.39 -9.68
C ASN A 243 -11.01 -41.89 -9.77
N VAL A 244 -10.29 -41.82 -8.62
CA VAL A 244 -8.94 -41.30 -8.61
C VAL A 244 -8.00 -42.21 -9.40
N ALA A 245 -8.07 -43.51 -9.17
CA ALA A 245 -7.09 -44.43 -9.81
C ALA A 245 -7.24 -44.38 -11.36
N GLU A 246 -8.44 -44.30 -11.86
CA GLU A 246 -8.59 -44.23 -13.30
C GLU A 246 -8.26 -42.85 -13.82
N GLY A 247 -8.55 -41.82 -13.03
CA GLY A 247 -8.25 -40.46 -13.47
C GLY A 247 -6.76 -40.12 -13.57
N VAL A 248 -5.93 -40.69 -12.67
CA VAL A 248 -4.51 -40.28 -12.61
C VAL A 248 -3.55 -41.20 -13.39
N GLN A 249 -4.05 -42.35 -13.85
CA GLN A 249 -3.17 -43.32 -14.56
C GLN A 249 -2.48 -42.65 -15.73
N GLY A 250 -1.14 -42.71 -15.78
CA GLY A 250 -0.42 -42.21 -16.89
C GLY A 250 -0.13 -40.74 -16.85
N CYS A 251 -0.52 -40.02 -15.80
CA CYS A 251 -0.35 -38.55 -15.78
C CYS A 251 1.10 -38.14 -15.62
N ASP A 252 1.48 -37.10 -16.37
CA ASP A 252 2.77 -36.40 -16.22
C ASP A 252 2.72 -35.45 -14.99
N PHE A 253 1.56 -34.85 -14.71
CA PHE A 253 1.38 -33.89 -13.61
C PHE A 253 0.08 -34.17 -12.88
N LEU A 254 0.14 -33.99 -11.56
CA LEU A 254 -1.02 -34.00 -10.69
C LEU A 254 -1.12 -32.64 -10.04
N TYR A 255 -2.31 -32.07 -10.08
CA TYR A 255 -2.58 -30.72 -9.61
C TYR A 255 -3.72 -30.72 -8.62
N THR A 256 -3.60 -29.96 -7.52
CA THR A 256 -4.73 -29.73 -6.65
C THR A 256 -4.73 -28.29 -6.12
N ASP A 257 -5.74 -28.02 -5.33
CA ASP A 257 -5.98 -26.68 -4.78
C ASP A 257 -6.86 -26.88 -3.54
N VAL A 258 -7.00 -25.84 -2.75
CA VAL A 258 -7.78 -25.92 -1.51
C VAL A 258 -9.24 -26.27 -1.84
N TRP A 259 -9.90 -26.98 -0.91
CA TRP A 259 -11.24 -27.48 -1.15
C TRP A 259 -12.35 -26.47 -0.92
N VAL A 260 -12.01 -25.39 -0.21
CA VAL A 260 -12.90 -24.26 0.06
C VAL A 260 -12.13 -22.99 -0.35
N SER A 261 -12.69 -22.22 -1.30
CA SER A 261 -12.00 -21.06 -1.91
C SER A 261 -12.37 -19.75 -1.22
N MET A 262 -11.57 -18.72 -1.45
CA MET A 262 -11.81 -17.38 -0.88
C MET A 262 -13.19 -16.88 -1.24
N GLY A 263 -13.84 -16.34 -0.23
CA GLY A 263 -15.18 -15.83 -0.41
C GLY A 263 -16.28 -16.83 -0.15
N GLU A 264 -16.00 -18.13 -0.23
CA GLU A 264 -17.04 -19.14 0.12
C GLU A 264 -17.23 -19.12 1.62
N SER A 265 -18.41 -19.50 2.04
CA SER A 265 -18.66 -19.54 3.49
C SER A 265 -17.82 -20.61 4.16
N PRO A 266 -17.18 -20.26 5.30
CA PRO A 266 -16.32 -21.26 5.92
C PRO A 266 -17.06 -22.39 6.59
N GLU A 267 -18.39 -22.30 6.65
CA GLU A 267 -19.27 -23.42 6.99
C GLU A 267 -19.03 -24.62 5.99
N ALA A 268 -18.52 -24.32 4.79
CA ALA A 268 -18.32 -25.34 3.76
C ALA A 268 -17.23 -26.34 4.20
N TRP A 269 -16.29 -25.97 5.09
CA TRP A 269 -15.26 -26.93 5.51
C TRP A 269 -15.89 -28.16 6.16
N ASP A 270 -16.86 -27.92 7.02
CA ASP A 270 -17.51 -29.03 7.71
C ASP A 270 -18.15 -30.03 6.77
N GLU A 271 -18.74 -29.53 5.70
CA GLU A 271 -19.45 -30.34 4.73
C GLU A 271 -18.54 -30.94 3.67
N ARG A 272 -17.37 -30.30 3.41
CA ARG A 272 -16.54 -30.68 2.27
C ARG A 272 -15.32 -31.50 2.58
N VAL A 273 -14.76 -31.40 3.77
CA VAL A 273 -13.53 -32.13 4.03
C VAL A 273 -13.77 -33.62 3.83
N ALA A 274 -14.85 -34.16 4.42
CA ALA A 274 -14.99 -35.59 4.34
C ALA A 274 -15.33 -36.04 2.90
N LEU A 275 -16.04 -35.18 2.17
CA LEU A 275 -16.36 -35.48 0.79
C LEU A 275 -15.09 -35.46 -0.09
N MET A 276 -14.23 -34.51 0.18
CA MET A 276 -13.05 -34.28 -0.67
C MET A 276 -11.81 -35.07 -0.22
N LYS A 277 -11.79 -35.54 1.00
CA LYS A 277 -10.61 -36.26 1.50
C LYS A 277 -10.10 -37.42 0.60
N PRO A 278 -11.01 -38.19 -0.07
CA PRO A 278 -10.52 -39.22 -1.00
C PRO A 278 -9.71 -38.74 -2.16
N TYR A 279 -9.76 -37.44 -2.37
CA TYR A 279 -9.10 -36.79 -3.50
C TYR A 279 -7.84 -36.09 -3.03
N GLN A 280 -7.44 -36.29 -1.77
CA GLN A 280 -6.16 -35.75 -1.31
C GLN A 280 -5.01 -36.28 -2.13
N VAL A 281 -4.05 -35.41 -2.48
CA VAL A 281 -2.86 -35.88 -3.15
C VAL A 281 -1.85 -36.31 -2.10
N ASN A 282 -1.67 -37.62 -2.01
CA ASN A 282 -0.71 -38.23 -1.12
C ASN A 282 0.18 -39.18 -1.94
N MET A 283 1.13 -39.85 -1.29
CA MET A 283 2.02 -40.69 -2.06
C MET A 283 1.33 -41.87 -2.75
N ASN A 284 0.26 -42.41 -2.18
CA ASN A 284 -0.46 -43.48 -2.86
C ASN A 284 -0.99 -42.97 -4.20
N VAL A 285 -1.55 -41.77 -4.24
CA VAL A 285 -2.03 -41.18 -5.50
C VAL A 285 -0.92 -41.00 -6.52
N LEU A 286 0.26 -40.47 -6.10
CA LEU A 286 1.35 -40.45 -7.01
C LEU A 286 1.71 -41.81 -7.53
N LYS A 287 1.76 -42.81 -6.67
CA LYS A 287 2.02 -44.19 -7.16
C LYS A 287 0.96 -44.75 -8.15
N GLN A 288 -0.30 -44.36 -7.98
CA GLN A 288 -1.34 -44.76 -8.91
C GLN A 288 -1.18 -44.23 -10.33
N THR A 289 -0.35 -43.20 -10.54
CA THR A 289 -0.05 -42.80 -11.89
C THR A 289 0.74 -43.83 -12.67
N GLY A 290 1.52 -44.62 -11.94
CA GLY A 290 2.47 -45.53 -12.50
C GLY A 290 3.62 -44.86 -13.20
N ASN A 291 3.81 -43.59 -12.95
CA ASN A 291 4.82 -42.79 -13.64
C ASN A 291 5.90 -42.31 -12.64
N PRO A 292 7.09 -42.92 -12.69
CA PRO A 292 8.15 -42.44 -11.78
C PRO A 292 8.51 -40.99 -11.91
N ASN A 293 8.23 -40.38 -13.05
CA ASN A 293 8.57 -38.97 -13.28
CA ASN A 293 8.64 -38.97 -13.23
C ASN A 293 7.46 -38.00 -12.97
N VAL A 294 6.36 -38.51 -12.41
CA VAL A 294 5.20 -37.65 -12.13
C VAL A 294 5.64 -36.42 -11.28
N LYS A 295 5.08 -35.25 -11.58
CA LYS A 295 5.32 -34.02 -10.82
C LYS A 295 4.08 -33.50 -10.20
N PHE A 296 4.21 -32.88 -9.06
CA PHE A 296 3.07 -32.33 -8.35
C PHE A 296 3.05 -30.78 -8.43
N MET A 297 1.84 -30.26 -8.72
CA MET A 297 1.55 -28.85 -8.85
C MET A 297 0.37 -28.42 -7.97
N HIS A 298 0.42 -27.16 -7.56
CA HIS A 298 -0.59 -26.53 -6.68
C HIS A 298 -0.47 -25.06 -6.91
N CYS A 299 -1.57 -24.38 -7.17
CA CYS A 299 -1.50 -22.95 -7.39
C CYS A 299 -1.03 -22.14 -6.16
N LEU A 300 -1.21 -22.67 -4.95
CA LEU A 300 -0.89 -22.05 -3.67
C LEU A 300 -1.86 -20.88 -3.44
N PRO A 301 -2.05 -20.50 -2.19
CA PRO A 301 -1.57 -21.13 -0.97
C PRO A 301 -2.17 -22.53 -0.71
N ALA A 302 -1.38 -23.37 -0.02
CA ALA A 302 -1.73 -24.73 0.24
C ALA A 302 -1.79 -25.06 1.75
N PHE A 303 -2.73 -25.92 2.10
CA PHE A 303 -2.85 -26.47 3.44
C PHE A 303 -2.23 -27.87 3.53
N HIS A 304 -0.96 -27.94 3.88
CA HIS A 304 -0.27 -29.20 3.84
C HIS A 304 0.26 -29.59 5.21
N ASN A 305 0.02 -28.79 6.23
CA ASN A 305 0.50 -29.05 7.59
C ASN A 305 -0.26 -28.16 8.58
N ASP A 306 0.29 -28.05 9.79
CA ASP A 306 -0.37 -27.30 10.84
C ASP A 306 0.20 -25.94 11.03
N GLU A 307 0.78 -25.35 9.98
CA GLU A 307 1.52 -24.11 10.16
C GLU A 307 0.77 -22.89 9.63
N THR A 308 -0.54 -23.04 9.42
CA THR A 308 -1.47 -21.97 9.19
C THR A 308 -2.61 -22.04 10.22
N THR A 309 -3.26 -20.91 10.51
CA THR A 309 -4.36 -20.98 11.45
C THR A 309 -5.50 -21.80 10.90
N ILE A 310 -5.93 -21.51 9.68
CA ILE A 310 -7.07 -22.24 9.06
C ILE A 310 -6.79 -23.71 8.81
N GLY A 311 -5.65 -23.99 8.23
CA GLY A 311 -5.26 -25.40 8.00
C GLY A 311 -5.19 -26.22 9.25
N LYS A 312 -4.63 -25.66 10.29
CA LYS A 312 -4.52 -26.39 11.55
C LYS A 312 -5.88 -26.69 12.15
N GLN A 313 -6.77 -25.70 12.14
CA GLN A 313 -8.09 -25.81 12.80
C GLN A 313 -8.89 -26.85 12.03
N VAL A 314 -8.86 -26.77 10.71
CA VAL A 314 -9.72 -27.68 9.92
C VAL A 314 -9.13 -29.08 9.93
N ALA A 315 -7.80 -29.22 9.75
CA ALA A 315 -7.22 -30.57 9.78
C ALA A 315 -7.42 -31.18 11.16
N ASP A 316 -7.16 -30.44 12.24
CA ASP A 316 -7.34 -31.00 13.59
C ASP A 316 -8.77 -31.49 13.79
N LYS A 317 -9.76 -30.77 13.23
CA LYS A 317 -11.17 -31.20 13.38
C LYS A 317 -11.36 -32.66 12.87
N PHE A 318 -10.56 -33.09 11.89
CA PHE A 318 -10.63 -34.44 11.26
C PHE A 318 -9.46 -35.34 11.61
N GLY A 319 -8.62 -34.90 12.52
CA GLY A 319 -7.41 -35.65 12.97
C GLY A 319 -6.44 -35.86 11.83
N MET A 320 -6.38 -34.92 10.89
CA MET A 320 -5.53 -35.03 9.68
C MET A 320 -4.26 -34.21 9.85
N LYS A 321 -3.25 -34.59 9.04
CA LYS A 321 -2.00 -33.85 8.91
C LYS A 321 -2.00 -33.50 7.41
N GLY A 322 -2.41 -32.31 7.18
CA GLY A 322 -2.52 -31.77 5.77
C GLY A 322 -3.91 -32.01 5.23
N LEU A 323 -4.32 -31.22 4.28
CA LEU A 323 -5.67 -31.33 3.70
C LEU A 323 -5.60 -31.84 2.25
N GLU A 324 -5.59 -30.95 1.26
CA GLU A 324 -5.60 -31.36 -0.12
C GLU A 324 -4.30 -32.02 -0.59
N VAL A 325 -3.18 -31.81 0.13
CA VAL A 325 -1.93 -32.46 -0.22
C VAL A 325 -1.21 -32.72 1.07
N THR A 326 -0.52 -33.84 1.17
CA THR A 326 0.32 -34.09 2.39
C THR A 326 1.67 -33.35 2.37
N GLU A 327 2.22 -33.19 3.57
CA GLU A 327 3.56 -32.59 3.65
C GLU A 327 4.58 -33.43 2.88
N GLU A 328 4.42 -34.76 2.96
CA GLU A 328 5.33 -35.69 2.27
C GLU A 328 5.38 -35.44 0.75
N VAL A 329 4.21 -35.25 0.13
CA VAL A 329 4.17 -34.91 -1.30
C VAL A 329 4.68 -33.47 -1.54
N PHE A 330 4.17 -32.52 -0.75
CA PHE A 330 4.43 -31.11 -0.96
C PHE A 330 5.90 -30.75 -0.93
N GLU A 331 6.64 -31.39 -0.02
CA GLU A 331 8.06 -31.11 0.15
C GLU A 331 8.95 -32.17 -0.59
N SER A 332 8.36 -33.07 -1.34
CA SER A 332 9.13 -34.06 -2.09
C SER A 332 9.82 -33.47 -3.30
N GLU A 333 10.76 -34.25 -3.83
CA GLU A 333 11.39 -33.97 -5.08
C GLU A 333 10.40 -33.97 -6.25
N HIS A 334 9.21 -34.58 -6.10
CA HIS A 334 8.18 -34.52 -7.14
C HIS A 334 7.44 -33.19 -7.22
N SER A 335 7.57 -32.35 -6.21
CA SER A 335 6.78 -31.10 -6.09
C SER A 335 7.55 -29.98 -6.78
N ILE A 336 6.88 -29.30 -7.70
CA ILE A 336 7.47 -28.19 -8.46
C ILE A 336 6.72 -26.86 -8.14
N VAL A 337 6.05 -26.81 -6.96
CA VAL A 337 5.20 -25.69 -6.63
C VAL A 337 5.94 -24.35 -6.57
N PHE A 338 7.21 -24.35 -6.19
CA PHE A 338 7.89 -23.05 -6.09
C PHE A 338 8.39 -22.55 -7.43
N ASP A 339 8.72 -23.48 -8.36
CA ASP A 339 8.96 -23.09 -9.77
C ASP A 339 7.71 -22.49 -10.37
N GLU A 340 6.55 -23.16 -10.13
CA GLU A 340 5.25 -22.70 -10.56
C GLU A 340 4.92 -21.32 -9.99
N ALA A 341 5.21 -21.10 -8.71
CA ALA A 341 5.02 -19.78 -8.07
C ALA A 341 5.88 -18.69 -8.72
N GLU A 342 7.17 -18.96 -8.94
CA GLU A 342 8.04 -18.02 -9.62
C GLU A 342 7.50 -17.65 -11.00
N ASN A 343 7.04 -18.66 -11.72
CA ASN A 343 6.49 -18.47 -13.04
C ASN A 343 5.23 -17.60 -13.11
N ARG A 344 4.61 -17.33 -11.97
CA ARG A 344 3.51 -16.37 -11.93
C ARG A 344 4.03 -14.97 -12.41
N MET A 345 5.23 -14.59 -11.94
CA MET A 345 5.79 -13.31 -12.27
C MET A 345 6.14 -13.21 -13.75
N HIS A 346 6.82 -14.22 -14.32
CA HIS A 346 7.32 -14.13 -15.68
C HIS A 346 6.12 -14.11 -16.66
N THR A 347 5.06 -14.84 -16.32
CA THR A 347 3.88 -14.90 -17.18
C THR A 347 2.99 -13.65 -17.06
N ILE A 348 2.86 -13.09 -15.87
CA ILE A 348 2.17 -11.78 -15.71
C ILE A 348 2.93 -10.71 -16.48
N LYS A 349 4.27 -10.75 -16.43
CA LYS A 349 5.10 -9.84 -17.21
C LYS A 349 4.77 -9.93 -18.70
N ALA A 350 4.63 -11.16 -19.26
CA ALA A 350 4.30 -11.34 -20.67
C ALA A 350 2.94 -10.75 -21.02
N VAL A 351 1.97 -10.96 -20.13
CA VAL A 351 0.63 -10.41 -20.36
C VAL A 351 0.73 -8.89 -20.42
N MET A 352 1.43 -8.26 -19.50
CA MET A 352 1.50 -6.81 -19.48
C MET A 352 2.32 -6.30 -20.67
N VAL A 353 3.44 -6.95 -20.99
CA VAL A 353 4.23 -6.49 -22.14
C VAL A 353 3.44 -6.63 -23.47
N ALA A 354 2.76 -7.75 -23.65
CA ALA A 354 1.96 -7.99 -24.86
C ALA A 354 0.81 -6.98 -25.02
N THR A 355 0.12 -6.67 -23.93
CA THR A 355 -1.06 -5.80 -24.00
C THR A 355 -0.77 -4.30 -23.92
N LEU A 356 0.35 -3.92 -23.28
CA LEU A 356 0.80 -2.52 -23.13
C LEU A 356 2.21 -2.16 -23.68
N GLY A 357 3.04 -3.16 -24.00
CA GLY A 357 4.50 -2.94 -24.23
C GLY A 357 4.72 -1.95 -25.36
N MET B 25 35.22 -7.09 6.16
CA MET B 25 33.77 -6.96 6.52
C MET B 25 32.86 -6.83 5.30
N ALA B 26 33.34 -6.18 4.23
CA ALA B 26 32.55 -6.11 2.99
C ALA B 26 32.22 -7.53 2.49
N PHE B 27 33.26 -8.33 2.21
CA PHE B 27 33.10 -9.74 1.79
C PHE B 27 32.19 -10.49 2.76
N ASN B 28 32.47 -10.31 4.06
CA ASN B 28 31.72 -10.96 5.13
C ASN B 28 30.23 -10.58 5.21
N LEU B 29 29.84 -9.35 4.82
CA LEU B 29 28.41 -8.93 4.91
C LEU B 29 27.50 -9.21 3.72
N ARG B 30 28.06 -9.42 2.53
CA ARG B 30 27.24 -9.70 1.36
C ARG B 30 26.39 -10.97 1.56
N ASN B 31 25.11 -10.87 1.21
CA ASN B 31 24.14 -11.92 1.33
C ASN B 31 23.75 -12.35 2.74
N ARG B 32 24.19 -11.64 3.75
CA ARG B 32 23.79 -11.96 5.11
C ARG B 32 22.35 -11.49 5.41
N ASN B 33 21.66 -12.27 6.24
CA ASN B 33 20.49 -11.76 6.90
C ASN B 33 20.88 -10.72 7.96
N PHE B 34 19.95 -9.85 8.37
CA PHE B 34 20.15 -8.96 9.56
C PHE B 34 19.07 -9.19 10.60
N LEU B 35 19.19 -10.29 11.35
CA LEU B 35 18.05 -10.75 12.18
C LEU B 35 18.13 -10.27 13.62
N LYS B 36 19.36 -10.04 14.10
CA LYS B 36 19.61 -9.63 15.49
C LYS B 36 21.10 -9.28 15.59
N LEU B 37 21.44 -8.33 16.46
CA LEU B 37 22.80 -7.91 16.66
C LEU B 37 23.69 -9.01 17.20
N LEU B 38 23.12 -9.99 17.86
CA LEU B 38 23.91 -11.10 18.38
C LEU B 38 24.64 -11.83 17.25
N ASP B 39 24.13 -11.74 16.03
CA ASP B 39 24.71 -12.42 14.89
C ASP B 39 25.90 -11.68 14.27
N PHE B 40 26.28 -10.53 14.81
CA PHE B 40 27.34 -9.70 14.15
C PHE B 40 28.46 -9.42 15.13
N SER B 41 29.65 -9.30 14.61
CA SER B 41 30.80 -8.92 15.41
C SER B 41 30.87 -7.40 15.67
N THR B 42 31.75 -7.03 16.59
CA THR B 42 31.96 -5.65 16.95
C THR B 42 32.38 -4.92 15.68
N LYS B 43 33.33 -5.49 14.95
CA LYS B 43 33.81 -4.79 13.75
C LYS B 43 32.78 -4.66 12.64
N GLU B 44 31.92 -5.67 12.48
CA GLU B 44 30.84 -5.59 11.49
C GLU B 44 29.86 -4.48 11.85
N ILE B 45 29.52 -4.38 13.12
CA ILE B 45 28.56 -3.35 13.55
C ILE B 45 29.20 -1.97 13.33
N GLN B 46 30.49 -1.81 13.67
CA GLN B 46 31.12 -0.54 13.43
C GLN B 46 31.18 -0.21 11.95
N PHE B 47 31.45 -1.21 11.10
CA PHE B 47 31.43 -1.02 9.64
C PHE B 47 30.06 -0.51 9.18
N LEU B 48 28.98 -1.13 9.65
CA LEU B 48 27.64 -0.68 9.26
C LEU B 48 27.41 0.79 9.69
N ILE B 49 27.83 1.14 10.90
CA ILE B 49 27.72 2.52 11.38
C ILE B 49 28.53 3.49 10.52
N ASP B 50 29.73 3.12 10.17
CA ASP B 50 30.58 3.95 9.30
C ASP B 50 30.00 4.12 7.91
N LEU B 51 29.47 3.04 7.36
CA LEU B 51 28.79 3.08 6.09
C LEU B 51 27.56 4.00 6.13
N SER B 52 26.78 3.93 7.21
CA SER B 52 25.62 4.79 7.38
C SER B 52 26.03 6.27 7.33
N ALA B 53 27.15 6.59 7.97
CA ALA B 53 27.65 7.95 7.96
C ALA B 53 28.07 8.38 6.56
N ASP B 54 28.71 7.48 5.82
CA ASP B 54 29.17 7.77 4.47
CA ASP B 54 29.17 7.80 4.47
C ASP B 54 27.97 7.97 3.55
N LEU B 55 26.93 7.11 3.71
CA LEU B 55 25.72 7.27 2.90
C LEU B 55 24.94 8.53 3.24
N LYS B 56 24.92 8.92 4.49
CA LYS B 56 24.29 10.15 4.94
C LYS B 56 25.00 11.35 4.28
N LYS B 57 26.33 11.36 4.33
CA LYS B 57 27.12 12.41 3.66
C LYS B 57 26.78 12.48 2.18
N ALA B 58 26.76 11.31 1.54
CA ALA B 58 26.48 11.29 0.10
C ALA B 58 25.09 11.85 -0.23
N LYS B 59 24.07 11.49 0.54
CA LYS B 59 22.73 12.07 0.26
C LYS B 59 22.75 13.58 0.48
N TYR B 60 23.41 14.04 1.55
CA TYR B 60 23.40 15.49 1.83
C TYR B 60 24.15 16.28 0.76
N ALA B 61 25.23 15.70 0.24
CA ALA B 61 26.09 16.34 -0.80
C ALA B 61 25.52 16.22 -2.18
N GLY B 62 24.56 15.34 -2.38
CA GLY B 62 24.00 15.07 -3.68
C GLY B 62 24.89 14.17 -4.52
N THR B 63 25.73 13.35 -3.87
CA THR B 63 26.65 12.47 -4.58
C THR B 63 26.30 10.98 -4.49
N GLU B 64 25.12 10.69 -3.96
CA GLU B 64 24.77 9.32 -3.71
C GLU B 64 24.76 8.47 -5.00
N GLN B 65 25.49 7.36 -5.00
CA GLN B 65 25.48 6.44 -6.14
C GLN B 65 24.48 5.32 -5.86
N LYS B 66 23.71 4.90 -6.86
CA LYS B 66 22.67 3.86 -6.64
C LYS B 66 23.15 2.41 -6.71
N LYS B 67 23.44 1.83 -5.58
CA LYS B 67 23.98 0.51 -5.57
C LYS B 67 22.91 -0.61 -5.60
N LEU B 68 21.63 -0.24 -5.43
CA LEU B 68 20.53 -1.21 -5.47
C LEU B 68 19.67 -1.07 -6.73
N LEU B 69 20.24 -0.51 -7.80
CA LEU B 69 19.49 -0.26 -9.00
CA LEU B 69 19.49 -0.26 -9.03
C LEU B 69 18.95 -1.60 -9.54
N GLY B 70 17.67 -1.65 -9.79
CA GLY B 70 17.02 -2.82 -10.37
C GLY B 70 16.63 -3.88 -9.34
N LYS B 71 16.99 -3.68 -8.09
CA LYS B 71 16.58 -4.61 -7.03
C LYS B 71 15.16 -4.31 -6.57
N ASN B 72 14.42 -5.39 -6.25
CA ASN B 72 13.08 -5.30 -5.68
C ASN B 72 13.05 -5.87 -4.29
N ILE B 73 12.44 -5.15 -3.35
CA ILE B 73 12.40 -5.52 -1.96
CA ILE B 73 12.38 -5.65 -1.98
C ILE B 73 10.95 -5.68 -1.48
N ALA B 74 10.68 -6.70 -0.67
CA ALA B 74 9.36 -6.92 -0.09
C ALA B 74 9.43 -6.48 1.36
N LEU B 75 8.43 -5.72 1.80
CA LEU B 75 8.38 -5.27 3.18
C LEU B 75 7.14 -5.84 3.86
N ILE B 76 7.35 -6.78 4.73
CA ILE B 76 6.22 -7.43 5.43
C ILE B 76 6.03 -6.75 6.79
N PHE B 77 4.80 -6.28 7.07
CA PHE B 77 4.50 -5.61 8.35
C PHE B 77 3.31 -6.24 8.99
N GLU B 78 3.52 -6.89 10.14
CA GLU B 78 2.43 -7.42 10.93
C GLU B 78 2.06 -6.57 12.12
N LYS B 79 2.87 -5.54 12.38
CA LYS B 79 2.61 -4.46 13.29
C LYS B 79 2.71 -3.12 12.58
N ALA B 80 2.12 -2.10 13.18
CA ALA B 80 2.16 -0.74 12.63
C ALA B 80 3.60 -0.19 12.65
N SER B 81 3.84 0.83 11.83
CA SER B 81 5.13 1.51 11.76
C SER B 81 5.00 2.83 11.02
N THR B 82 5.73 3.82 11.49
CA THR B 82 5.98 5.04 10.73
C THR B 82 7.44 5.06 10.35
N ARG B 83 8.37 5.15 11.35
CA ARG B 83 9.77 5.32 11.00
C ARG B 83 10.32 4.14 10.19
N THR B 84 10.11 2.93 10.67
CA THR B 84 10.78 1.80 10.04
C THR B 84 10.31 1.58 8.62
N ARG B 85 9.01 1.64 8.41
CA ARG B 85 8.56 1.46 7.06
C ARG B 85 9.04 2.54 6.11
N CYS B 86 8.96 3.78 6.58
CA CYS B 86 9.38 4.92 5.79
C CYS B 86 10.87 4.87 5.55
N ALA B 87 11.63 4.47 6.57
CA ALA B 87 13.04 4.33 6.37
C ALA B 87 13.40 3.35 5.28
N PHE B 88 12.80 2.18 5.31
CA PHE B 88 13.04 1.14 4.29
C PHE B 88 12.61 1.66 2.94
N GLU B 89 11.48 2.32 2.84
CA GLU B 89 11.03 2.84 1.52
C GLU B 89 12.00 3.88 0.96
N VAL B 90 12.24 4.93 1.74
CA VAL B 90 13.11 6.02 1.28
C VAL B 90 14.52 5.51 0.99
N ALA B 91 15.07 4.70 1.87
CA ALA B 91 16.39 4.06 1.62
C ALA B 91 16.45 3.29 0.29
N ALA B 92 15.45 2.50 0.03
CA ALA B 92 15.40 1.74 -1.22
C ALA B 92 15.30 2.68 -2.42
N PHE B 93 14.39 3.64 -2.35
CA PHE B 93 14.14 4.60 -3.45
C PHE B 93 15.43 5.35 -3.81
N ASP B 94 16.10 5.86 -2.77
CA ASP B 94 17.35 6.61 -2.91
C ASP B 94 18.43 5.75 -3.61
N GLN B 95 18.44 4.44 -3.30
CA GLN B 95 19.41 3.51 -3.85
C GLN B 95 19.03 2.85 -5.18
N GLY B 96 17.87 3.23 -5.74
CA GLY B 96 17.41 2.73 -7.06
C GLY B 96 16.60 1.46 -7.02
N ALA B 97 16.22 1.04 -5.84
CA ALA B 97 15.40 -0.17 -5.68
C ALA B 97 13.89 0.18 -5.68
N GLN B 98 13.03 -0.82 -5.89
CA GLN B 98 11.59 -0.65 -5.78
C GLN B 98 11.09 -1.55 -4.63
N VAL B 99 9.94 -1.21 -4.06
CA VAL B 99 9.45 -1.87 -2.85
CA VAL B 99 9.44 -1.86 -2.85
C VAL B 99 7.99 -2.28 -3.00
N THR B 100 7.65 -3.41 -2.37
CA THR B 100 6.27 -3.83 -2.19
C THR B 100 5.99 -3.87 -0.70
N TYR B 101 5.00 -3.11 -0.25
CA TYR B 101 4.54 -3.11 1.18
C TYR B 101 3.42 -4.13 1.32
N ILE B 102 3.64 -5.10 2.23
CA ILE B 102 2.67 -6.16 2.49
C ILE B 102 2.25 -5.93 3.93
N GLY B 103 1.09 -5.31 4.10
CA GLY B 103 0.67 -4.76 5.41
C GLY B 103 0.00 -5.87 6.20
N PRO B 104 -0.45 -5.53 7.44
CA PRO B 104 -1.05 -6.50 8.33
C PRO B 104 -2.23 -7.27 7.77
N SER B 105 -2.96 -6.73 6.80
CA SER B 105 -3.81 -7.61 6.04
C SER B 105 -3.62 -7.30 4.55
N GLY B 106 -4.27 -8.16 3.77
CA GLY B 106 -4.24 -8.15 2.29
C GLY B 106 -3.47 -9.31 1.65
N SER B 107 -2.61 -10.00 2.43
CA SER B 107 -1.81 -11.12 1.94
C SER B 107 -2.36 -12.44 2.47
N GLN B 108 -1.77 -13.54 2.00
CA GLN B 108 -2.15 -14.87 2.50
C GLN B 108 -1.42 -15.30 3.75
N ILE B 109 -0.53 -14.45 4.28
CA ILE B 109 0.35 -14.83 5.40
C ILE B 109 -0.42 -15.21 6.66
N GLY B 110 -0.09 -16.39 7.20
CA GLY B 110 -0.48 -16.77 8.54
C GLY B 110 -1.78 -17.52 8.65
N ASP B 111 -2.88 -16.97 8.15
CA ASP B 111 -4.11 -17.65 8.16
C ASP B 111 -4.22 -18.71 7.06
N LYS B 112 -3.74 -18.31 5.89
CA LYS B 112 -3.82 -19.14 4.71
C LYS B 112 -2.55 -19.81 4.23
N GLU B 113 -1.42 -19.24 4.59
CA GLU B 113 -0.14 -19.74 4.10
C GLU B 113 0.97 -19.69 5.16
N SER B 114 1.76 -20.73 5.23
CA SER B 114 2.81 -20.82 6.24
C SER B 114 3.92 -19.86 5.94
N MET B 115 4.66 -19.49 6.97
CA MET B 115 5.84 -18.64 6.74
C MET B 115 6.92 -19.34 5.91
N LYS B 116 7.09 -20.68 6.08
CA LYS B 116 8.09 -21.38 5.25
C LYS B 116 7.74 -21.23 3.75
N ASP B 117 6.43 -21.34 3.42
CA ASP B 117 6.00 -21.20 2.04
C ASP B 117 6.11 -19.75 1.56
N THR B 118 5.64 -18.82 2.40
CA THR B 118 5.79 -17.38 2.10
C THR B 118 7.21 -17.01 1.76
N ALA B 119 8.13 -17.44 2.63
CA ALA B 119 9.56 -17.16 2.44
C ALA B 119 10.05 -17.63 1.10
N ARG B 120 9.71 -18.85 0.74
CA ARG B 120 10.18 -19.45 -0.50
C ARG B 120 9.61 -18.77 -1.77
N VAL B 121 8.37 -18.38 -1.71
CA VAL B 121 7.72 -17.65 -2.78
C VAL B 121 8.35 -16.25 -2.95
N LEU B 122 8.45 -15.53 -1.83
CA LEU B 122 9.03 -14.15 -1.89
C LEU B 122 10.51 -14.20 -2.36
N GLY B 123 11.23 -15.24 -1.95
CA GLY B 123 12.59 -15.44 -2.37
C GLY B 123 12.77 -15.64 -3.87
N ARG B 124 11.79 -16.23 -4.52
CA ARG B 124 11.77 -16.36 -5.98
C ARG B 124 11.57 -15.04 -6.74
N MET B 125 10.84 -14.10 -6.14
CA MET B 125 10.50 -12.87 -6.83
C MET B 125 11.32 -11.63 -6.46
N TYR B 126 11.70 -11.55 -5.20
CA TYR B 126 12.39 -10.37 -4.61
C TYR B 126 13.86 -10.64 -4.34
N ASP B 127 14.61 -9.56 -4.20
CA ASP B 127 16.06 -9.60 -3.92
C ASP B 127 16.38 -9.52 -2.41
N GLY B 128 15.46 -8.99 -1.63
CA GLY B 128 15.55 -8.87 -0.19
C GLY B 128 14.20 -8.69 0.44
N ILE B 129 14.09 -9.02 1.71
CA ILE B 129 12.84 -9.00 2.44
C ILE B 129 12.99 -8.43 3.84
N GLN B 130 12.14 -7.49 4.17
CA GLN B 130 12.05 -6.98 5.52
C GLN B 130 10.86 -7.61 6.23
N TYR B 131 11.02 -7.85 7.53
CA TYR B 131 9.91 -8.35 8.33
C TYR B 131 9.83 -7.65 9.65
N ARG B 132 8.65 -7.10 9.94
CA ARG B 132 8.33 -6.59 11.27
C ARG B 132 7.13 -7.36 11.77
N GLY B 133 7.23 -7.86 12.98
CA GLY B 133 6.14 -8.61 13.52
C GLY B 133 6.35 -9.08 14.95
N PHE B 134 5.93 -10.32 15.15
CA PHE B 134 5.80 -10.90 16.48
C PHE B 134 7.05 -11.71 16.92
N GLY B 135 6.97 -13.01 17.11
CA GLY B 135 8.14 -13.72 17.64
C GLY B 135 9.37 -13.63 16.76
N GLN B 136 10.52 -13.50 17.41
CA GLN B 136 11.82 -13.62 16.73
C GLN B 136 11.88 -14.94 15.96
N ALA B 137 11.25 -16.01 16.46
CA ALA B 137 11.23 -17.29 15.72
C ALA B 137 10.66 -17.20 14.31
N ILE B 138 9.71 -16.30 14.12
CA ILE B 138 9.15 -16.07 12.80
C ILE B 138 10.15 -15.48 11.81
N VAL B 139 10.86 -14.45 12.26
CA VAL B 139 11.89 -13.86 11.43
C VAL B 139 13.05 -14.83 11.16
N GLU B 140 13.38 -15.62 12.16
CA GLU B 140 14.40 -16.64 11.96
C GLU B 140 13.95 -17.65 10.90
N GLU B 141 12.68 -18.01 10.92
CA GLU B 141 12.18 -18.93 9.91
C GLU B 141 12.24 -18.34 8.52
N LEU B 142 11.82 -17.09 8.40
CA LEU B 142 11.89 -16.39 7.12
C LEU B 142 13.35 -16.34 6.67
N GLY B 143 14.28 -16.00 7.54
CA GLY B 143 15.70 -15.85 7.13
C GLY B 143 16.30 -17.21 6.78
N ALA B 144 15.83 -18.28 7.39
CA ALA B 144 16.32 -19.63 7.05
C ALA B 144 15.84 -20.15 5.68
N PHE B 145 14.64 -19.76 5.28
CA PHE B 145 13.96 -20.28 4.11
C PHE B 145 13.94 -19.43 2.87
N ALA B 146 14.10 -18.11 2.99
CA ALA B 146 13.87 -17.26 1.79
C ALA B 146 14.92 -17.40 0.71
N GLY B 147 16.17 -17.57 1.07
CA GLY B 147 17.22 -17.65 0.08
C GLY B 147 17.78 -16.29 -0.39
N VAL B 148 17.22 -15.21 0.14
CA VAL B 148 17.69 -13.85 -0.10
C VAL B 148 17.85 -13.18 1.29
N PRO B 149 18.56 -12.06 1.38
CA PRO B 149 18.70 -11.41 2.69
C PRO B 149 17.36 -11.01 3.31
N VAL B 150 17.21 -11.31 4.60
CA VAL B 150 16.02 -11.00 5.40
C VAL B 150 16.50 -10.06 6.52
N TRP B 151 15.77 -8.96 6.67
CA TRP B 151 16.08 -7.98 7.69
C TRP B 151 14.96 -7.78 8.69
N ASN B 152 15.31 -7.79 9.96
CA ASN B 152 14.35 -7.63 11.05
C ASN B 152 14.07 -6.20 11.37
N GLY B 153 12.85 -5.76 11.09
CA GLY B 153 12.44 -4.39 11.27
C GLY B 153 11.69 -4.17 12.57
N LEU B 154 11.78 -5.19 13.42
CA LEU B 154 11.27 -5.26 14.77
C LEU B 154 10.49 -6.55 14.99
N THR B 155 10.78 -7.19 16.12
CA THR B 155 10.09 -8.36 16.62
C THR B 155 9.85 -8.13 18.11
N ASP B 156 9.10 -9.03 18.72
CA ASP B 156 8.81 -8.88 20.13
C ASP B 156 10.08 -8.70 20.95
N GLU B 157 11.12 -9.43 20.54
CA GLU B 157 12.32 -9.57 21.33
C GLU B 157 13.45 -8.62 20.97
N PHE B 158 13.58 -8.27 19.69
CA PHE B 158 14.72 -7.48 19.23
C PHE B 158 14.33 -6.41 18.24
N HIS B 159 15.13 -5.35 18.17
CA HIS B 159 14.91 -4.26 17.25
C HIS B 159 16.24 -3.71 16.79
N PRO B 160 16.95 -4.52 16.00
CA PRO B 160 18.36 -4.27 15.68
C PRO B 160 18.64 -3.01 14.86
N THR B 161 17.80 -2.72 13.86
CA THR B 161 18.07 -1.52 13.03
C THR B 161 17.96 -0.23 13.88
N GLN B 162 17.08 -0.20 14.89
CA GLN B 162 16.92 0.97 15.76
C GLN B 162 18.28 1.28 16.44
N ILE B 163 18.92 0.23 16.94
CA ILE B 163 20.12 0.40 17.73
C ILE B 163 21.28 0.92 16.87
N LEU B 164 21.34 0.51 15.60
CA LEU B 164 22.33 1.10 14.68
C LEU B 164 22.14 2.61 14.59
N ALA B 165 20.89 3.03 14.38
CA ALA B 165 20.56 4.42 14.25
C ALA B 165 20.95 5.17 15.56
N ASP B 166 20.64 4.56 16.68
CA ASP B 166 20.93 5.12 18.01
C ASP B 166 22.46 5.33 18.24
N PHE B 167 23.26 4.36 17.83
CA PHE B 167 24.69 4.48 17.98
C PHE B 167 25.31 5.48 16.98
N LEU B 168 24.78 5.54 15.77
CA LEU B 168 25.19 6.59 14.84
C LEU B 168 24.90 7.95 15.48
N THR B 169 23.69 8.14 16.01
CA THR B 169 23.30 9.38 16.64
C THR B 169 24.17 9.74 17.87
N MET B 170 24.47 8.77 18.72
CA MET B 170 25.40 9.03 19.84
C MET B 170 26.79 9.55 19.35
N LEU B 171 27.31 8.90 18.32
CA LEU B 171 28.63 9.26 17.77
C LEU B 171 28.60 10.68 17.24
N GLU B 172 27.51 11.06 16.58
CA GLU B 172 27.35 12.41 16.06
C GLU B 172 27.29 13.48 17.15
N HIS B 173 26.74 13.12 18.30
CA HIS B 173 26.52 14.05 19.38
C HIS B 173 27.53 13.91 20.48
N SER B 174 28.60 13.16 20.26
CA SER B 174 29.61 12.95 21.36
C SER B 174 30.95 13.63 21.22
N GLN B 175 31.10 14.48 20.23
CA GLN B 175 32.30 15.34 20.11
C GLN B 175 33.59 14.54 20.05
N GLY B 176 33.56 13.44 19.32
CA GLY B 176 34.79 12.70 19.08
C GLY B 176 34.98 11.47 19.96
N LYS B 177 34.17 11.31 21.01
CA LYS B 177 34.18 10.03 21.74
C LYS B 177 33.90 8.84 20.80
N ALA B 178 34.48 7.69 21.10
CA ALA B 178 34.11 6.45 20.46
C ALA B 178 32.96 5.86 21.26
N LEU B 179 32.24 4.88 20.70
CA LEU B 179 31.15 4.23 21.43
C LEU B 179 31.69 3.62 22.75
N ALA B 180 32.92 3.09 22.74
CA ALA B 180 33.46 2.39 23.91
C ALA B 180 33.69 3.40 25.04
N ASP B 181 33.72 4.69 24.68
CA ASP B 181 33.92 5.75 25.69
C ASP B 181 32.59 6.25 26.34
N ILE B 182 31.44 5.80 25.83
CA ILE B 182 30.10 6.39 26.19
C ILE B 182 29.41 5.62 27.30
N GLN B 183 28.74 6.36 28.20
CA GLN B 183 27.96 5.84 29.34
C GLN B 183 26.53 6.26 29.10
N PHE B 184 25.58 5.31 29.21
CA PHE B 184 24.18 5.70 29.01
C PHE B 184 23.27 4.79 29.78
N ALA B 185 22.08 5.32 30.04
CA ALA B 185 21.04 4.62 30.77
C ALA B 185 19.79 4.54 29.95
N TYR B 186 19.18 3.34 29.97
CA TYR B 186 17.87 3.10 29.46
C TYR B 186 16.93 2.95 30.66
N LEU B 187 15.85 3.72 30.65
CA LEU B 187 14.86 3.74 31.74
C LEU B 187 13.55 3.10 31.35
N GLY B 188 13.03 2.27 32.23
CA GLY B 188 11.63 1.82 32.11
C GLY B 188 11.56 0.32 31.94
N ASP B 189 10.95 -0.11 30.83
CA ASP B 189 10.74 -1.49 30.51
C ASP B 189 11.94 -2.12 29.81
N ALA B 190 12.84 -2.64 30.63
CA ALA B 190 14.10 -3.15 30.17
C ALA B 190 14.03 -4.45 29.36
N ARG B 191 12.91 -5.16 29.44
CA ARG B 191 12.80 -6.42 28.72
C ARG B 191 12.07 -6.33 27.37
N ASN B 192 11.76 -5.13 26.93
CA ASN B 192 11.18 -4.99 25.61
C ASN B 192 12.26 -5.06 24.54
N ASN B 193 11.83 -5.12 23.29
CA ASN B 193 12.76 -5.27 22.18
C ASN B 193 13.92 -4.27 22.17
N VAL B 194 13.62 -3.03 22.49
CA VAL B 194 14.59 -1.92 22.41
C VAL B 194 15.57 -2.05 23.60
N GLY B 195 15.07 -2.38 24.78
CA GLY B 195 16.00 -2.61 25.91
C GLY B 195 16.93 -3.78 25.66
N ASN B 196 16.33 -4.88 25.15
CA ASN B 196 17.12 -6.02 24.81
C ASN B 196 18.26 -5.67 23.84
N SER B 197 17.89 -5.01 22.77
CA SER B 197 18.85 -4.70 21.72
C SER B 197 19.87 -3.68 22.16
N LEU B 198 19.50 -2.70 22.97
CA LEU B 198 20.49 -1.75 23.49
C LEU B 198 21.53 -2.48 24.37
N MET B 199 21.08 -3.46 25.14
CA MET B 199 22.04 -4.18 25.98
C MET B 199 22.98 -4.99 25.11
N VAL B 200 22.45 -5.71 24.10
CA VAL B 200 23.31 -6.45 23.16
C VAL B 200 24.29 -5.51 22.49
N GLY B 201 23.76 -4.41 21.96
CA GLY B 201 24.63 -3.48 21.23
C GLY B 201 25.68 -2.85 22.12
N ALA B 202 25.28 -2.47 23.32
CA ALA B 202 26.23 -1.90 24.26
C ALA B 202 27.37 -2.90 24.55
N ALA B 203 27.00 -4.15 24.82
CA ALA B 203 27.96 -5.23 24.99
C ALA B 203 28.92 -5.36 23.80
N LYS B 204 28.35 -5.48 22.60
CA LYS B 204 29.16 -5.59 21.36
C LYS B 204 30.19 -4.45 21.20
N MET B 205 29.82 -3.24 21.56
CA MET B 205 30.62 -2.06 21.25
C MET B 205 31.45 -1.53 22.43
N GLY B 206 31.42 -2.26 23.52
CA GLY B 206 32.22 -1.93 24.67
C GLY B 206 31.75 -0.78 25.54
N MET B 207 30.44 -0.53 25.54
CA MET B 207 29.86 0.64 26.18
C MET B 207 29.52 0.30 27.65
N ASP B 208 29.23 1.33 28.42
CA ASP B 208 28.72 1.20 29.78
C ASP B 208 27.26 1.53 29.71
N ILE B 209 26.42 0.51 29.83
CA ILE B 209 24.97 0.67 29.82
C ILE B 209 24.39 0.34 31.18
N ARG B 210 23.49 1.19 31.65
CA ARG B 210 22.67 0.89 32.80
C ARG B 210 21.21 0.73 32.38
N LEU B 211 20.64 -0.42 32.70
CA LEU B 211 19.23 -0.64 32.51
CA LEU B 211 19.22 -0.70 32.56
C LEU B 211 18.56 -0.39 33.88
N VAL B 212 17.71 0.65 33.88
CA VAL B 212 17.21 1.29 35.11
C VAL B 212 15.70 1.18 35.12
N GLY B 213 15.18 0.30 35.94
CA GLY B 213 13.76 0.01 35.96
C GLY B 213 13.38 -1.05 36.97
N PRO B 214 12.10 -1.35 37.05
CA PRO B 214 11.67 -2.36 38.05
C PRO B 214 12.16 -3.76 37.73
N GLN B 215 12.61 -4.53 38.74
CA GLN B 215 13.24 -5.82 38.48
C GLN B 215 12.34 -6.83 37.80
N ALA B 216 11.03 -6.69 37.93
CA ALA B 216 10.10 -7.60 37.22
C ALA B 216 10.23 -7.46 35.70
N TYR B 217 10.75 -6.33 35.22
CA TYR B 217 10.89 -6.03 33.82
C TYR B 217 12.34 -5.94 33.41
N TRP B 218 13.26 -6.52 34.20
CA TRP B 218 14.64 -6.63 33.73
C TRP B 218 14.71 -7.69 32.63
N PRO B 219 15.75 -7.65 31.78
CA PRO B 219 15.81 -8.63 30.70
C PRO B 219 16.03 -10.05 31.17
N ASP B 220 15.60 -10.96 30.33
CA ASP B 220 15.81 -12.39 30.56
C ASP B 220 17.25 -12.70 31.04
N GLU B 221 17.39 -13.57 32.03
CA GLU B 221 18.71 -13.86 32.63
C GLU B 221 19.68 -14.51 31.68
N GLU B 222 19.19 -15.33 30.76
CA GLU B 222 20.06 -15.96 29.76
C GLU B 222 20.61 -14.91 28.79
N LEU B 223 19.77 -13.95 28.40
CA LEU B 223 20.27 -12.88 27.53
C LEU B 223 21.30 -12.01 28.29
N VAL B 224 21.00 -11.68 29.52
CA VAL B 224 21.94 -10.90 30.34
C VAL B 224 23.30 -11.60 30.46
N ALA B 225 23.26 -12.89 30.75
CA ALA B 225 24.49 -13.67 30.82
C ALA B 225 25.28 -13.67 29.51
N ALA B 226 24.58 -13.81 28.38
CA ALA B 226 25.24 -13.79 27.08
C ALA B 226 25.88 -12.42 26.88
N CYS B 227 25.15 -11.36 27.20
CA CYS B 227 25.69 -10.01 27.02
C CYS B 227 26.90 -9.74 27.97
N GLN B 228 26.84 -10.26 29.20
CA GLN B 228 27.97 -10.13 30.11
C GLN B 228 29.21 -10.82 29.53
N ALA B 229 29.02 -11.97 28.87
CA ALA B 229 30.14 -12.71 28.28
C ALA B 229 30.74 -11.92 27.14
N ILE B 230 29.89 -11.27 26.36
CA ILE B 230 30.34 -10.42 25.26
C ILE B 230 31.10 -9.21 25.82
N ALA B 231 30.52 -8.59 26.85
CA ALA B 231 31.08 -7.43 27.49
C ALA B 231 32.46 -7.69 28.08
N LYS B 232 32.66 -8.91 28.59
CA LYS B 232 34.00 -9.27 29.11
C LYS B 232 35.07 -9.19 28.00
N GLN B 233 34.68 -9.48 26.76
CA GLN B 233 35.64 -9.49 25.65
C GLN B 233 35.89 -8.08 25.10
N THR B 234 34.93 -7.17 25.26
CA THR B 234 35.00 -5.86 24.60
C THR B 234 35.34 -4.70 25.58
N GLY B 235 35.38 -4.99 26.88
CA GLY B 235 35.54 -3.94 27.93
C GLY B 235 34.23 -3.20 28.26
N GLY B 236 33.12 -3.71 27.78
CA GLY B 236 31.79 -3.15 28.13
C GLY B 236 31.35 -3.43 29.56
N LYS B 237 30.34 -2.69 30.03
CA LYS B 237 29.86 -2.84 31.40
C LYS B 237 28.32 -2.87 31.33
N ILE B 238 27.72 -3.87 31.98
CA ILE B 238 26.22 -4.00 31.98
C ILE B 238 25.75 -3.97 33.44
N THR B 239 24.96 -2.97 33.78
CA THR B 239 24.40 -2.82 35.10
C THR B 239 22.87 -2.87 35.03
N LEU B 240 22.25 -3.67 35.90
CA LEU B 240 20.81 -3.68 36.10
C LEU B 240 20.58 -3.08 37.47
N THR B 241 19.68 -2.11 37.58
CA THR B 241 19.39 -1.49 38.84
C THR B 241 18.00 -0.91 38.89
N GLU B 242 17.44 -0.90 40.10
CA GLU B 242 16.18 -0.18 40.28
C GLU B 242 16.38 1.28 40.72
N ASN B 243 17.63 1.67 40.99
CA ASN B 243 17.91 2.98 41.55
C ASN B 243 18.19 4.01 40.45
N VAL B 244 17.29 5.00 40.33
CA VAL B 244 17.45 6.06 39.32
C VAL B 244 18.64 6.91 39.59
N ALA B 245 18.83 7.35 40.85
CA ALA B 245 19.93 8.25 41.16
C ALA B 245 21.27 7.65 40.74
N GLU B 246 21.49 6.41 41.13
CA GLU B 246 22.75 5.80 40.84
C GLU B 246 22.87 5.37 39.40
N GLY B 247 21.79 4.85 38.88
CA GLY B 247 21.75 4.41 37.51
C GLY B 247 22.14 5.48 36.46
N VAL B 248 21.72 6.72 36.70
CA VAL B 248 21.90 7.79 35.70
C VAL B 248 23.13 8.66 35.98
N GLN B 249 23.79 8.45 37.12
CA GLN B 249 24.96 9.22 37.55
C GLN B 249 25.99 9.23 36.41
N GLY B 250 26.33 10.41 35.89
CA GLY B 250 27.42 10.51 34.91
C GLY B 250 27.08 10.13 33.48
N CYS B 251 25.84 9.83 33.16
CA CYS B 251 25.55 9.38 31.81
C CYS B 251 25.63 10.48 30.76
N ASP B 252 26.10 10.11 29.57
CA ASP B 252 26.15 10.98 28.39
C ASP B 252 24.77 11.08 27.72
N PHE B 253 24.03 9.99 27.77
CA PHE B 253 22.68 9.88 27.17
C PHE B 253 21.73 9.18 28.14
N LEU B 254 20.47 9.60 28.13
CA LEU B 254 19.37 8.89 28.77
C LEU B 254 18.40 8.52 27.67
N TYR B 255 17.89 7.28 27.75
CA TYR B 255 17.05 6.72 26.71
C TYR B 255 15.82 6.13 27.37
N THR B 256 14.66 6.31 26.75
CA THR B 256 13.45 5.58 27.25
C THR B 256 12.58 5.19 26.07
N ASP B 257 11.49 4.52 26.36
CA ASP B 257 10.57 3.95 25.39
C ASP B 257 9.28 3.75 26.13
N VAL B 258 8.21 3.53 25.37
CA VAL B 258 6.86 3.33 25.96
C VAL B 258 6.85 2.14 26.89
N TRP B 259 5.97 2.21 27.87
CA TRP B 259 5.92 1.16 28.93
C TRP B 259 5.13 -0.06 28.53
N VAL B 260 4.32 0.05 27.48
CA VAL B 260 3.49 -1.01 26.92
C VAL B 260 3.76 -1.02 25.40
N SER B 261 4.23 -2.15 24.90
CA SER B 261 4.70 -2.29 23.52
C SER B 261 3.58 -2.84 22.60
N MET B 262 3.77 -2.65 21.29
CA MET B 262 2.86 -3.19 20.30
C MET B 262 2.64 -4.67 20.53
N GLY B 263 1.37 -5.08 20.49
CA GLY B 263 1.00 -6.46 20.58
C GLY B 263 0.68 -6.90 22.02
N GLU B 264 1.08 -6.10 22.98
CA GLU B 264 0.69 -6.28 24.37
C GLU B 264 -0.74 -5.83 24.61
N SER B 265 -1.38 -6.41 25.61
CA SER B 265 -2.79 -6.07 25.84
C SER B 265 -2.85 -4.71 26.53
N PRO B 266 -3.81 -3.87 26.17
CA PRO B 266 -3.92 -2.56 26.85
C PRO B 266 -4.15 -2.64 28.35
N GLU B 267 -4.60 -3.78 28.85
CA GLU B 267 -4.73 -3.95 30.28
C GLU B 267 -3.36 -3.84 30.97
N ALA B 268 -2.27 -4.10 30.27
CA ALA B 268 -0.93 -3.88 30.84
C ALA B 268 -0.72 -2.48 31.47
N TRP B 269 -1.37 -1.44 30.94
CA TRP B 269 -1.15 -0.08 31.50
C TRP B 269 -1.42 0.03 32.98
N ASP B 270 -2.53 -0.57 33.40
CA ASP B 270 -2.90 -0.60 34.81
C ASP B 270 -1.83 -1.25 35.71
N GLU B 271 -1.19 -2.32 35.24
CA GLU B 271 -0.08 -2.96 35.99
C GLU B 271 1.18 -2.07 36.01
N ARG B 272 1.47 -1.49 34.87
CA ARG B 272 2.79 -0.91 34.63
C ARG B 272 2.96 0.56 34.97
N VAL B 273 1.90 1.38 34.91
CA VAL B 273 2.08 2.80 35.28
C VAL B 273 2.63 2.95 36.71
N ALA B 274 2.06 2.22 37.65
CA ALA B 274 2.50 2.34 39.02
C ALA B 274 3.95 1.84 39.18
N LEU B 275 4.38 0.79 38.45
CA LEU B 275 5.73 0.25 38.59
C LEU B 275 6.74 1.09 37.84
N MET B 276 6.32 1.68 36.71
CA MET B 276 7.24 2.40 35.84
C MET B 276 7.32 3.89 36.07
N LYS B 277 6.33 4.49 36.71
CA LYS B 277 6.33 5.97 36.76
C LYS B 277 7.54 6.57 37.49
N PRO B 278 8.14 5.83 38.46
CA PRO B 278 9.35 6.41 39.05
C PRO B 278 10.50 6.53 38.07
N TYR B 279 10.39 5.85 36.91
CA TYR B 279 11.40 5.81 35.87
C TYR B 279 11.07 6.76 34.74
N GLN B 280 10.06 7.60 34.91
CA GLN B 280 9.81 8.66 33.92
C GLN B 280 11.04 9.52 33.73
N VAL B 281 11.35 9.84 32.49
CA VAL B 281 12.46 10.79 32.25
C VAL B 281 11.87 12.19 32.29
N ASN B 282 12.14 12.90 33.38
CA ASN B 282 11.71 14.28 33.60
C ASN B 282 12.94 15.14 33.88
N MET B 283 12.78 16.45 34.04
CA MET B 283 13.96 17.33 34.19
C MET B 283 14.75 16.98 35.47
N ASN B 284 14.09 16.47 36.49
CA ASN B 284 14.80 16.09 37.70
C ASN B 284 15.75 14.90 37.39
N VAL B 285 15.31 13.94 36.61
CA VAL B 285 16.21 12.84 36.21
C VAL B 285 17.45 13.37 35.43
N LEU B 286 17.25 14.29 34.49
CA LEU B 286 18.40 14.85 33.80
C LEU B 286 19.35 15.52 34.75
N LYS B 287 18.81 16.29 35.68
CA LYS B 287 19.63 16.88 36.74
C LYS B 287 20.46 15.87 37.56
N GLN B 288 19.87 14.70 37.83
CA GLN B 288 20.53 13.69 38.67
C GLN B 288 21.73 13.09 37.93
N THR B 289 21.86 13.30 36.62
CA THR B 289 23.03 12.80 35.91
C THR B 289 24.26 13.60 36.33
N GLY B 290 24.08 14.84 36.79
CA GLY B 290 25.24 15.68 37.10
C GLY B 290 25.96 16.15 35.83
N ASN B 291 25.36 15.91 34.68
CA ASN B 291 26.05 16.19 33.43
C ASN B 291 25.32 17.30 32.65
N PRO B 292 25.86 18.54 32.63
CA PRO B 292 25.14 19.61 31.91
C PRO B 292 24.95 19.33 30.40
N ASN B 293 25.70 18.37 29.86
CA ASN B 293 25.68 18.07 28.43
C ASN B 293 24.88 16.79 28.11
N VAL B 294 24.14 16.27 29.09
CA VAL B 294 23.37 15.05 28.87
C VAL B 294 22.39 15.28 27.73
N LYS B 295 22.17 14.22 26.91
CA LYS B 295 21.25 14.26 25.79
C LYS B 295 20.21 13.16 26.02
N PHE B 296 19.01 13.42 25.52
CA PHE B 296 17.89 12.52 25.68
C PHE B 296 17.54 11.87 24.35
N MET B 297 17.30 10.55 24.38
CA MET B 297 16.94 9.73 23.24
C MET B 297 15.72 8.89 23.50
N HIS B 298 14.97 8.59 22.43
CA HIS B 298 13.76 7.84 22.53
C HIS B 298 13.57 7.24 21.12
N CYS B 299 13.31 5.92 21.01
CA CYS B 299 13.14 5.27 19.71
C CYS B 299 11.92 5.83 18.91
N LEU B 300 10.94 6.37 19.64
CA LEU B 300 9.66 6.83 19.08
C LEU B 300 8.83 5.64 18.56
N PRO B 301 7.53 5.80 18.50
CA PRO B 301 6.69 6.92 18.97
C PRO B 301 6.72 7.05 20.47
N ALA B 302 6.50 8.27 20.95
CA ALA B 302 6.59 8.62 22.38
C ALA B 302 5.30 9.18 22.89
N PHE B 303 4.99 8.90 24.17
CA PHE B 303 3.82 9.48 24.85
C PHE B 303 4.25 10.59 25.80
N HIS B 304 4.37 11.81 25.28
CA HIS B 304 4.91 12.91 26.05
C HIS B 304 3.90 14.03 26.33
N ASN B 305 2.65 13.85 25.95
CA ASN B 305 1.61 14.88 26.12
C ASN B 305 0.28 14.24 25.79
N ASP B 306 -0.79 15.05 25.63
CA ASP B 306 -2.13 14.52 25.37
C ASP B 306 -2.53 14.61 23.90
N GLU B 307 -1.55 14.64 23.00
CA GLU B 307 -1.83 14.82 21.57
C GLU B 307 -1.89 13.50 20.78
N THR B 308 -2.01 12.37 21.48
CA THR B 308 -2.36 11.07 20.91
C THR B 308 -3.59 10.56 21.65
N THR B 309 -4.34 9.67 21.01
CA THR B 309 -5.50 9.09 21.70
C THR B 309 -5.06 8.19 22.88
N ILE B 310 -4.04 7.35 22.69
CA ILE B 310 -3.67 6.42 23.78
C ILE B 310 -3.02 7.22 24.89
N GLY B 311 -2.08 8.09 24.52
CA GLY B 311 -1.40 8.86 25.50
C GLY B 311 -2.31 9.72 26.36
N LYS B 312 -3.29 10.35 25.72
CA LYS B 312 -4.23 11.19 26.49
C LYS B 312 -5.08 10.35 27.45
N GLN B 313 -5.58 9.22 26.96
CA GLN B 313 -6.46 8.37 27.76
C GLN B 313 -5.76 7.81 28.98
N VAL B 314 -4.54 7.33 28.76
CA VAL B 314 -3.76 6.75 29.89
C VAL B 314 -3.32 7.86 30.85
N ALA B 315 -2.72 8.92 30.31
CA ALA B 315 -2.22 9.98 31.20
C ALA B 315 -3.37 10.63 32.04
N ASP B 316 -4.48 10.98 31.38
CA ASP B 316 -5.66 11.56 32.07
C ASP B 316 -6.14 10.67 33.20
N LYS B 317 -6.29 9.37 32.90
CA LYS B 317 -6.70 8.40 33.91
C LYS B 317 -5.79 8.38 35.15
N PHE B 318 -4.49 8.54 34.93
CA PHE B 318 -3.54 8.45 36.01
C PHE B 318 -3.06 9.79 36.55
N GLY B 319 -3.69 10.88 36.09
CA GLY B 319 -3.33 12.21 36.58
C GLY B 319 -1.94 12.66 36.17
N MET B 320 -1.47 12.21 35.02
CA MET B 320 -0.13 12.57 34.55
C MET B 320 -0.18 13.46 33.32
N LYS B 321 0.94 14.14 33.07
CA LYS B 321 1.19 14.96 31.86
C LYS B 321 2.43 14.31 31.25
N GLY B 322 2.23 13.50 30.23
CA GLY B 322 3.32 12.69 29.68
C GLY B 322 3.55 11.43 30.52
N LEU B 323 3.97 10.37 29.86
CA LEU B 323 4.15 9.07 30.52
C LEU B 323 5.64 8.82 30.69
N GLU B 324 6.29 8.12 29.74
CA GLU B 324 7.71 7.79 29.92
C GLU B 324 8.69 8.95 29.89
N VAL B 325 8.25 10.06 29.29
CA VAL B 325 9.05 11.27 29.21
C VAL B 325 8.09 12.47 29.24
N THR B 326 8.49 13.54 29.93
CA THR B 326 7.68 14.77 29.93
C THR B 326 7.92 15.62 28.67
N GLU B 327 6.96 16.50 28.40
CA GLU B 327 7.09 17.47 27.30
C GLU B 327 8.33 18.34 27.45
N GLU B 328 8.56 18.79 28.68
CA GLU B 328 9.66 19.68 29.02
C GLU B 328 10.98 19.07 28.58
N VAL B 329 11.16 17.78 28.83
CA VAL B 329 12.35 17.08 28.34
C VAL B 329 12.32 16.84 26.85
N PHE B 330 11.22 16.34 26.35
CA PHE B 330 11.16 15.89 24.96
C PHE B 330 11.42 17.01 23.93
N GLU B 331 10.93 18.21 24.26
CA GLU B 331 11.05 19.41 23.39
C GLU B 331 12.23 20.30 23.81
N SER B 332 13.00 19.84 24.77
CA SER B 332 14.17 20.60 25.24
C SER B 332 15.33 20.54 24.30
N GLU B 333 16.27 21.44 24.56
CA GLU B 333 17.55 21.46 23.86
C GLU B 333 18.41 20.20 24.07
N HIS B 334 18.10 19.41 25.10
CA HIS B 334 18.81 18.16 25.39
C HIS B 334 18.31 16.99 24.53
N SER B 335 17.15 17.16 23.93
CA SER B 335 16.47 16.06 23.20
C SER B 335 17.01 15.98 21.77
N ILE B 336 17.47 14.80 21.36
CA ILE B 336 17.99 14.60 20.00
C ILE B 336 17.17 13.53 19.24
N VAL B 337 15.89 13.37 19.66
CA VAL B 337 15.01 12.35 19.06
C VAL B 337 14.72 12.46 17.57
N PHE B 338 14.75 13.65 16.99
CA PHE B 338 14.52 13.76 15.56
C PHE B 338 15.71 13.48 14.72
N ASP B 339 16.91 13.77 15.27
CA ASP B 339 18.15 13.31 14.64
C ASP B 339 18.18 11.79 14.61
N GLU B 340 17.84 11.20 15.76
CA GLU B 340 17.79 9.76 15.89
C GLU B 340 16.82 9.13 14.89
N ALA B 341 15.64 9.71 14.77
CA ALA B 341 14.63 9.24 13.84
C ALA B 341 15.14 9.34 12.38
N GLU B 342 15.77 10.47 12.00
CA GLU B 342 16.35 10.57 10.67
C GLU B 342 17.34 9.46 10.40
N ASN B 343 18.15 9.18 11.42
CA ASN B 343 19.20 8.16 11.29
C ASN B 343 18.71 6.72 11.10
N ARG B 344 17.42 6.48 11.33
CA ARG B 344 16.78 5.24 10.99
C ARG B 344 17.00 4.97 9.49
N MET B 345 16.81 5.99 8.66
CA MET B 345 16.88 5.82 7.23
C MET B 345 18.32 5.52 6.75
N HIS B 346 19.30 6.27 7.23
CA HIS B 346 20.66 6.13 6.75
C HIS B 346 21.24 4.80 7.21
N THR B 347 20.84 4.32 8.38
CA THR B 347 21.32 3.05 8.88
C THR B 347 20.65 1.84 8.21
N ILE B 348 19.34 1.93 7.94
CA ILE B 348 18.68 0.90 7.15
C ILE B 348 19.27 0.84 5.75
N LYS B 349 19.54 2.00 5.18
CA LYS B 349 20.25 2.05 3.89
C LYS B 349 21.56 1.27 3.92
N ALA B 350 22.35 1.45 4.98
CA ALA B 350 23.61 0.75 5.10
C ALA B 350 23.40 -0.76 5.16
N VAL B 351 22.42 -1.20 5.95
CA VAL B 351 22.14 -2.63 6.06
C VAL B 351 21.80 -3.18 4.67
N MET B 352 20.93 -2.51 3.92
CA MET B 352 20.61 -3.00 2.61
C MET B 352 21.78 -2.98 1.63
N VAL B 353 22.53 -1.89 1.64
CA VAL B 353 23.69 -1.74 0.71
C VAL B 353 24.75 -2.80 1.01
N ALA B 354 25.05 -2.99 2.29
CA ALA B 354 26.07 -3.97 2.75
C ALA B 354 25.69 -5.44 2.42
N THR B 355 24.39 -5.77 2.51
CA THR B 355 23.91 -7.13 2.33
C THR B 355 23.47 -7.42 0.91
N LEU B 356 22.95 -6.44 0.16
CA LEU B 356 22.49 -6.71 -1.19
CA LEU B 356 22.49 -6.66 -1.23
C LEU B 356 23.38 -6.08 -2.28
N GLY B 357 24.17 -5.06 -1.93
CA GLY B 357 24.96 -4.34 -2.96
C GLY B 357 26.19 -5.15 -3.37
N MET C 25 6.93 33.66 -11.32
CA MET C 25 5.90 32.94 -10.50
C MET C 25 6.45 31.67 -9.88
N ALA C 26 7.05 30.82 -10.71
CA ALA C 26 7.55 29.51 -10.27
C ALA C 26 8.39 29.66 -8.99
N PHE C 27 9.40 30.52 -9.08
CA PHE C 27 10.27 30.80 -7.95
C PHE C 27 9.44 31.17 -6.73
N ASN C 28 8.38 31.97 -6.92
CA ASN C 28 7.59 32.41 -5.77
C ASN C 28 6.77 31.28 -5.15
N LEU C 29 6.55 30.21 -5.91
CA LEU C 29 5.90 29.03 -5.32
C LEU C 29 6.80 27.91 -4.78
N ARG C 30 8.10 27.85 -5.12
CA ARG C 30 8.96 26.77 -4.59
C ARG C 30 8.97 26.84 -3.05
N ASN C 31 8.89 25.67 -2.42
CA ASN C 31 8.77 25.52 -0.94
C ASN C 31 7.51 25.98 -0.25
N ARG C 32 6.51 26.40 -1.02
CA ARG C 32 5.23 26.74 -0.43
C ARG C 32 4.43 25.49 -0.04
N ASN C 33 3.64 25.58 1.03
CA ASN C 33 2.62 24.58 1.29
C ASN C 33 1.45 24.85 0.35
N PHE C 34 0.55 23.89 0.15
CA PHE C 34 -0.75 24.14 -0.56
C PHE C 34 -1.90 23.69 0.35
N LEU C 35 -2.26 24.52 1.34
CA LEU C 35 -3.20 24.07 2.39
C LEU C 35 -4.65 24.49 2.13
N LYS C 36 -4.84 25.58 1.38
CA LYS C 36 -6.13 26.15 1.10
C LYS C 36 -5.95 27.29 0.09
N LEU C 37 -6.95 27.51 -0.76
CA LEU C 37 -6.89 28.56 -1.74
C LEU C 37 -6.86 29.97 -1.12
N LEU C 38 -7.40 30.14 0.07
CA LEU C 38 -7.26 31.49 0.74
C LEU C 38 -5.80 31.91 0.88
N ASP C 39 -4.86 30.98 0.82
CA ASP C 39 -3.44 31.28 0.98
C ASP C 39 -2.72 31.75 -0.31
N PHE C 40 -3.45 31.86 -1.43
CA PHE C 40 -2.86 32.04 -2.74
C PHE C 40 -3.53 33.23 -3.39
N SER C 41 -2.78 33.97 -4.19
CA SER C 41 -3.32 35.13 -4.92
C SER C 41 -4.04 34.65 -6.19
N THR C 42 -4.88 35.52 -6.78
CA THR C 42 -5.48 35.26 -8.09
C THR C 42 -4.40 34.79 -9.13
N LYS C 43 -3.28 35.49 -9.17
CA LYS C 43 -2.29 35.20 -10.21
C LYS C 43 -1.56 33.90 -9.96
N GLU C 44 -1.36 33.55 -8.69
CA GLU C 44 -0.77 32.24 -8.33
C GLU C 44 -1.69 31.12 -8.74
N ILE C 45 -2.98 31.25 -8.44
CA ILE C 45 -3.96 30.24 -8.85
C ILE C 45 -3.99 30.12 -10.39
N GLN C 46 -4.06 31.23 -11.13
CA GLN C 46 -4.02 31.16 -12.61
C GLN C 46 -2.76 30.48 -13.11
N PHE C 47 -1.63 30.79 -12.49
CA PHE C 47 -0.35 30.15 -12.83
C PHE C 47 -0.41 28.63 -12.68
N LEU C 48 -0.99 28.18 -11.56
CA LEU C 48 -1.09 26.73 -11.32
C LEU C 48 -1.96 26.07 -12.40
N ILE C 49 -3.04 26.73 -12.79
CA ILE C 49 -3.93 26.19 -13.82
C ILE C 49 -3.22 26.13 -15.17
N ASP C 50 -2.49 27.20 -15.50
CA ASP C 50 -1.72 27.25 -16.74
C ASP C 50 -0.63 26.17 -16.79
N LEU C 51 0.07 25.98 -15.69
CA LEU C 51 1.06 24.94 -15.56
C LEU C 51 0.42 23.54 -15.75
N SER C 52 -0.79 23.33 -15.17
CA SER C 52 -1.55 22.09 -15.30
C SER C 52 -1.78 21.81 -16.78
N ALA C 53 -2.17 22.84 -17.51
CA ALA C 53 -2.48 22.66 -18.93
C ALA C 53 -1.23 22.30 -19.72
N ASP C 54 -0.12 22.94 -19.40
CA ASP C 54 1.16 22.66 -20.03
CA ASP C 54 1.17 22.64 -20.04
C ASP C 54 1.66 21.22 -19.73
N LEU C 55 1.56 20.78 -18.48
CA LEU C 55 1.89 19.42 -18.11
C LEU C 55 0.97 18.39 -18.78
N LYS C 56 -0.33 18.69 -18.93
CA LYS C 56 -1.25 17.85 -19.62
C LYS C 56 -0.86 17.66 -21.09
N LYS C 57 -0.59 18.78 -21.78
CA LYS C 57 -0.14 18.70 -23.17
C LYS C 57 1.14 17.88 -23.29
N ALA C 58 2.09 18.08 -22.38
CA ALA C 58 3.36 17.38 -22.42
C ALA C 58 3.19 15.85 -22.26
N LYS C 59 2.34 15.47 -21.33
CA LYS C 59 2.08 14.04 -21.13
C LYS C 59 1.44 13.47 -22.42
N TYR C 60 0.45 14.13 -22.97
CA TYR C 60 -0.18 13.65 -24.20
C TYR C 60 0.77 13.62 -25.39
N ALA C 61 1.66 14.59 -25.46
CA ALA C 61 2.64 14.67 -26.57
C ALA C 61 3.81 13.72 -26.43
N GLY C 62 4.00 13.15 -25.26
CA GLY C 62 5.19 12.33 -24.99
C GLY C 62 6.44 13.13 -24.71
N THR C 63 6.31 14.37 -24.29
CA THR C 63 7.49 15.25 -24.10
C THR C 63 7.70 15.73 -22.67
N GLU C 64 7.16 15.02 -21.70
CA GLU C 64 7.18 15.47 -20.32
C GLU C 64 8.60 15.41 -19.77
N GLN C 65 9.08 16.47 -19.16
CA GLN C 65 10.37 16.46 -18.47
C GLN C 65 10.16 16.20 -17.00
N LYS C 66 11.01 15.40 -16.41
CA LYS C 66 10.79 14.97 -15.04
C LYS C 66 11.41 15.97 -14.05
N LYS C 67 10.62 16.81 -13.44
CA LYS C 67 11.14 17.82 -12.56
C LYS C 67 11.21 17.37 -11.11
N LEU C 68 10.75 16.15 -10.81
CA LEU C 68 10.77 15.64 -9.44
C LEU C 68 11.67 14.41 -9.32
N LEU C 69 12.61 14.24 -10.28
CA LEU C 69 13.53 13.12 -10.25
CA LEU C 69 13.54 13.12 -10.25
C LEU C 69 14.28 13.07 -8.92
N GLY C 70 14.31 11.89 -8.31
CA GLY C 70 15.00 11.66 -7.05
C GLY C 70 14.26 12.14 -5.81
N LYS C 71 13.05 12.69 -5.96
CA LYS C 71 12.33 13.17 -4.80
C LYS C 71 11.40 12.07 -4.31
N ASN C 72 11.22 12.04 -3.01
CA ASN C 72 10.37 11.06 -2.32
C ASN C 72 9.26 11.76 -1.63
N ILE C 73 8.02 11.26 -1.82
CA ILE C 73 6.82 11.93 -1.35
CA ILE C 73 6.86 11.95 -1.23
C ILE C 73 6.04 10.98 -0.42
N ALA C 74 5.57 11.47 0.74
CA ALA C 74 4.70 10.72 1.64
C ALA C 74 3.25 11.12 1.53
N LEU C 75 2.36 10.16 1.40
CA LEU C 75 0.94 10.44 1.20
C LEU C 75 0.17 9.87 2.39
N ILE C 76 -0.26 10.75 3.29
CA ILE C 76 -1.00 10.39 4.47
C ILE C 76 -2.48 10.47 4.17
N PHE C 77 -3.19 9.37 4.34
CA PHE C 77 -4.66 9.37 4.20
C PHE C 77 -5.32 8.87 5.47
N GLU C 78 -6.08 9.76 6.11
CA GLU C 78 -6.93 9.40 7.26
C GLU C 78 -8.41 9.21 6.89
N LYS C 79 -8.75 9.56 5.64
CA LYS C 79 -10.02 9.22 5.01
C LYS C 79 -9.77 8.44 3.69
N ALA C 80 -10.78 7.74 3.23
CA ALA C 80 -10.72 6.95 1.97
C ALA C 80 -10.50 7.91 0.80
N SER C 81 -9.95 7.38 -0.30
CA SER C 81 -9.77 8.14 -1.54
C SER C 81 -9.49 7.24 -2.73
N THR C 82 -10.12 7.55 -3.85
CA THR C 82 -9.73 7.00 -5.15
C THR C 82 -9.00 8.05 -6.00
N ARG C 83 -9.67 9.14 -6.35
CA ARG C 83 -9.07 10.14 -7.27
C ARG C 83 -7.84 10.79 -6.70
N THR C 84 -7.95 11.27 -5.49
CA THR C 84 -6.86 12.05 -4.93
C THR C 84 -5.60 11.24 -4.72
N ARG C 85 -5.76 10.06 -4.15
CA ARG C 85 -4.59 9.25 -3.96
C ARG C 85 -3.95 8.84 -5.28
N CYS C 86 -4.78 8.42 -6.20
CA CYS C 86 -4.28 7.99 -7.49
C CYS C 86 -3.62 9.13 -8.25
N ALA C 87 -4.22 10.32 -8.17
CA ALA C 87 -3.67 11.52 -8.79
C ALA C 87 -2.26 11.89 -8.29
N PHE C 88 -2.10 11.82 -6.97
CA PHE C 88 -0.78 12.00 -6.36
C PHE C 88 0.22 10.98 -6.85
N GLU C 89 -0.15 9.71 -6.86
CA GLU C 89 0.75 8.65 -7.22
C GLU C 89 1.19 8.81 -8.68
N VAL C 90 0.20 8.91 -9.56
CA VAL C 90 0.54 8.98 -10.99
C VAL C 90 1.31 10.25 -11.34
N ALA C 91 0.91 11.39 -10.75
CA ALA C 91 1.64 12.62 -10.94
C ALA C 91 3.10 12.53 -10.52
N ALA C 92 3.34 11.94 -9.36
CA ALA C 92 4.69 11.71 -8.84
C ALA C 92 5.47 10.81 -9.79
N PHE C 93 4.88 9.66 -10.12
CA PHE C 93 5.57 8.68 -11.00
C PHE C 93 5.99 9.33 -12.34
N ASP C 94 5.06 10.04 -12.97
CA ASP C 94 5.29 10.69 -14.28
C ASP C 94 6.46 11.70 -14.20
N GLN C 95 6.58 12.34 -13.05
CA GLN C 95 7.61 13.37 -12.76
C GLN C 95 8.93 12.88 -12.19
N GLY C 96 9.04 11.57 -11.98
CA GLY C 96 10.29 10.94 -11.54
C GLY C 96 10.42 10.70 -10.07
N ALA C 97 9.37 11.00 -9.31
CA ALA C 97 9.36 10.85 -7.86
C ALA C 97 8.87 9.46 -7.47
N GLN C 98 9.21 9.08 -6.25
CA GLN C 98 8.67 7.86 -5.61
CA GLN C 98 8.64 7.88 -5.64
C GLN C 98 7.76 8.25 -4.46
N VAL C 99 6.82 7.36 -4.11
CA VAL C 99 5.83 7.67 -3.14
C VAL C 99 5.69 6.58 -2.09
N THR C 100 5.34 7.01 -0.88
CA THR C 100 4.91 6.08 0.19
C THR C 100 3.49 6.41 0.61
N TYR C 101 2.56 5.46 0.46
CA TYR C 101 1.16 5.62 0.86
C TYR C 101 1.01 5.14 2.29
N ILE C 102 0.60 6.05 3.17
CA ILE C 102 0.34 5.78 4.61
C ILE C 102 -1.16 5.90 4.78
N GLY C 103 -1.82 4.73 4.80
CA GLY C 103 -3.27 4.67 4.80
C GLY C 103 -3.82 4.80 6.21
N PRO C 104 -5.18 4.76 6.35
CA PRO C 104 -5.79 5.03 7.66
C PRO C 104 -5.35 4.13 8.83
N SER C 105 -4.74 2.97 8.55
CA SER C 105 -4.11 2.13 9.58
C SER C 105 -2.79 1.63 9.00
N GLY C 106 -1.98 1.01 9.84
CA GLY C 106 -0.64 0.57 9.44
C GLY C 106 0.49 1.48 9.94
N SER C 107 0.19 2.76 10.23
CA SER C 107 1.24 3.69 10.81
C SER C 107 0.95 4.04 12.28
N GLN C 108 1.83 4.82 12.90
CA GLN C 108 1.66 5.22 14.29
C GLN C 108 0.82 6.48 14.46
N ILE C 109 0.36 7.05 13.37
CA ILE C 109 -0.27 8.39 13.43
C ILE C 109 -1.54 8.40 14.22
N GLY C 110 -1.65 9.34 15.18
CA GLY C 110 -2.91 9.61 15.88
C GLY C 110 -3.18 8.86 17.17
N ASP C 111 -3.15 7.52 17.12
CA ASP C 111 -3.33 6.70 18.28
C ASP C 111 -2.04 6.71 19.11
N LYS C 112 -0.88 6.60 18.44
CA LYS C 112 0.38 6.39 19.10
C LYS C 112 1.39 7.51 18.95
N GLU C 113 1.16 8.41 18.00
CA GLU C 113 2.10 9.49 17.73
C GLU C 113 1.43 10.76 17.33
N SER C 114 1.87 11.85 17.92
CA SER C 114 1.22 13.14 17.60
C SER C 114 1.51 13.59 16.17
N MET C 115 0.68 14.51 15.67
CA MET C 115 0.97 15.11 14.36
C MET C 115 2.21 15.97 14.36
N LYS C 116 2.53 16.68 15.46
CA LYS C 116 3.78 17.46 15.51
C LYS C 116 4.97 16.52 15.35
N ASP C 117 4.93 15.39 16.03
CA ASP C 117 6.03 14.41 15.91
C ASP C 117 6.11 13.75 14.55
N THR C 118 4.98 13.33 14.02
CA THR C 118 4.89 12.71 12.68
C THR C 118 5.44 13.73 11.64
N ALA C 119 5.04 14.98 11.72
CA ALA C 119 5.51 16.04 10.75
C ALA C 119 7.02 16.13 10.79
N ARG C 120 7.61 16.17 11.97
CA ARG C 120 9.06 16.37 12.08
C ARG C 120 9.84 15.12 11.58
N VAL C 121 9.31 13.95 11.86
CA VAL C 121 9.92 12.69 11.38
C VAL C 121 9.82 12.58 9.85
N LEU C 122 8.63 12.80 9.30
CA LEU C 122 8.47 12.64 7.87
C LEU C 122 9.28 13.72 7.13
N GLY C 123 9.37 14.91 7.70
CA GLY C 123 10.13 15.99 7.13
C GLY C 123 11.62 15.69 7.04
N ARG C 124 12.13 14.84 7.92
CA ARG C 124 13.50 14.35 7.83
C ARG C 124 13.79 13.37 6.71
N MET C 125 12.77 12.63 6.28
CA MET C 125 12.99 11.59 5.29
C MET C 125 12.45 11.88 3.89
N TYR C 126 11.37 12.64 3.85
CA TYR C 126 10.66 12.95 2.62
C TYR C 126 10.86 14.38 2.16
N ASP C 127 10.70 14.58 0.86
CA ASP C 127 10.81 15.88 0.22
C ASP C 127 9.52 16.68 0.15
N GLY C 128 8.38 15.98 0.33
CA GLY C 128 7.04 16.63 0.35
C GLY C 128 6.03 15.63 0.90
N ILE C 129 4.94 16.15 1.42
CA ILE C 129 3.93 15.41 2.13
C ILE C 129 2.52 15.85 1.75
N GLN C 130 1.68 14.88 1.40
CA GLN C 130 0.25 15.13 1.21
C GLN C 130 -0.50 14.63 2.43
N TYR C 131 -1.53 15.33 2.83
CA TYR C 131 -2.39 14.90 3.93
C TYR C 131 -3.85 15.03 3.52
N ARG C 132 -4.60 13.97 3.70
CA ARG C 132 -6.07 14.05 3.63
C ARG C 132 -6.58 13.58 4.99
N GLY C 133 -7.58 14.28 5.50
CA GLY C 133 -8.12 13.88 6.78
C GLY C 133 -9.20 14.83 7.27
N PHE C 134 -9.10 15.18 8.56
CA PHE C 134 -10.18 15.83 9.27
C PHE C 134 -9.97 17.34 9.34
N GLY C 135 -9.76 17.87 10.52
CA GLY C 135 -9.84 19.31 10.66
C GLY C 135 -8.71 19.99 9.93
N GLN C 136 -9.00 21.13 9.29
CA GLN C 136 -7.97 21.99 8.70
C GLN C 136 -6.81 22.30 9.67
N ALA C 137 -7.10 22.43 10.97
CA ALA C 137 -6.08 22.67 11.99
C ALA C 137 -4.98 21.60 11.96
N ILE C 138 -5.33 20.36 11.71
CA ILE C 138 -4.33 19.31 11.61
C ILE C 138 -3.37 19.50 10.44
N VAL C 139 -3.90 19.82 9.27
CA VAL C 139 -3.05 20.02 8.13
C VAL C 139 -2.17 21.26 8.30
N GLU C 140 -2.71 22.30 8.92
CA GLU C 140 -1.95 23.50 9.19
C GLU C 140 -0.79 23.24 10.16
N GLU C 141 -1.03 22.39 11.14
CA GLU C 141 0.03 21.97 12.07
C GLU C 141 1.12 21.15 11.36
N LEU C 142 0.73 20.20 10.53
CA LEU C 142 1.69 19.55 9.64
C LEU C 142 2.50 20.52 8.82
N GLY C 143 1.82 21.47 8.19
CA GLY C 143 2.42 22.45 7.34
C GLY C 143 3.40 23.33 8.09
N ALA C 144 3.16 23.56 9.38
CA ALA C 144 4.02 24.42 10.17
C ALA C 144 5.26 23.67 10.71
N PHE C 145 5.13 22.37 10.91
CA PHE C 145 6.19 21.59 11.57
C PHE C 145 7.03 20.72 10.69
N ALA C 146 6.58 20.41 9.48
CA ALA C 146 7.27 19.40 8.66
C ALA C 146 8.60 19.91 8.12
N GLY C 147 8.65 21.18 7.73
CA GLY C 147 9.86 21.69 7.09
C GLY C 147 10.02 21.40 5.61
N VAL C 148 9.02 20.77 5.01
CA VAL C 148 8.94 20.48 3.55
C VAL C 148 7.55 20.89 3.10
N PRO C 149 7.34 21.06 1.79
CA PRO C 149 5.96 21.33 1.32
C PRO C 149 4.92 20.29 1.75
N VAL C 150 3.77 20.78 2.25
CA VAL C 150 2.65 19.97 2.66
C VAL C 150 1.47 20.41 1.80
N TRP C 151 0.76 19.42 1.28
CA TRP C 151 -0.37 19.63 0.40
C TRP C 151 -1.64 19.00 0.96
N ASN C 152 -2.71 19.78 0.97
CA ASN C 152 -3.98 19.35 1.49
C ASN C 152 -4.78 18.65 0.43
N GLY C 153 -4.97 17.35 0.63
CA GLY C 153 -5.70 16.47 -0.28
C GLY C 153 -7.17 16.28 0.07
N LEU C 154 -7.59 17.09 1.03
CA LEU C 154 -8.94 17.25 1.54
C LEU C 154 -8.95 17.24 3.06
N THR C 155 -9.73 18.17 3.59
CA THR C 155 -9.99 18.30 5.01
C THR C 155 -11.47 18.54 5.17
N ASP C 156 -11.93 18.49 6.40
CA ASP C 156 -13.36 18.74 6.61
C ASP C 156 -13.80 20.07 5.96
N GLU C 157 -12.95 21.09 6.07
CA GLU C 157 -13.32 22.44 5.63
C GLU C 157 -13.04 22.80 4.17
N PHE C 158 -11.97 22.25 3.61
CA PHE C 158 -11.51 22.67 2.28
C PHE C 158 -11.01 21.51 1.42
N HIS C 159 -11.06 21.71 0.10
CA HIS C 159 -10.58 20.72 -0.84
C HIS C 159 -9.96 21.40 -2.03
N PRO C 160 -8.83 22.05 -1.80
CA PRO C 160 -8.22 22.96 -2.79
C PRO C 160 -7.82 22.33 -4.12
N THR C 161 -7.23 21.14 -4.12
CA THR C 161 -6.78 20.54 -5.38
C THR C 161 -7.96 20.22 -6.30
N GLN C 162 -9.11 19.87 -5.70
CA GLN C 162 -10.32 19.61 -6.48
C GLN C 162 -10.75 20.81 -7.31
N ILE C 163 -10.68 22.01 -6.70
CA ILE C 163 -11.15 23.20 -7.41
C ILE C 163 -10.19 23.59 -8.54
N LEU C 164 -8.89 23.38 -8.38
CA LEU C 164 -7.95 23.59 -9.50
C LEU C 164 -8.34 22.76 -10.70
N ALA C 165 -8.64 21.47 -10.47
CA ALA C 165 -9.07 20.56 -11.54
C ALA C 165 -10.37 20.98 -12.15
N ASP C 166 -11.27 21.46 -11.29
CA ASP C 166 -12.60 21.95 -11.76
C ASP C 166 -12.47 23.16 -12.65
N PHE C 167 -11.65 24.12 -12.27
CA PHE C 167 -11.41 25.26 -13.10
C PHE C 167 -10.66 24.94 -14.40
N LEU C 168 -9.62 24.09 -14.37
CA LEU C 168 -9.04 23.65 -15.61
C LEU C 168 -10.11 23.08 -16.53
N THR C 169 -10.98 22.20 -15.97
CA THR C 169 -12.02 21.56 -16.75
C THR C 169 -13.03 22.58 -17.34
N MET C 170 -13.43 23.56 -16.55
CA MET C 170 -14.31 24.59 -17.07
C MET C 170 -13.67 25.37 -18.19
N LEU C 171 -12.39 25.65 -18.07
CA LEU C 171 -11.67 26.40 -19.15
C LEU C 171 -11.56 25.57 -20.41
N GLU C 172 -11.24 24.28 -20.27
CA GLU C 172 -11.23 23.36 -21.42
C GLU C 172 -12.57 23.25 -22.15
N HIS C 173 -13.66 23.29 -21.42
CA HIS C 173 -14.97 23.09 -22.00
C HIS C 173 -15.64 24.42 -22.35
N SER C 174 -14.91 25.52 -22.20
CA SER C 174 -15.50 26.85 -22.53
C SER C 174 -14.92 27.46 -23.81
N GLN C 175 -13.87 26.85 -24.32
CA GLN C 175 -13.43 27.12 -25.70
C GLN C 175 -13.10 28.58 -25.91
N GLY C 176 -12.38 29.18 -24.99
CA GLY C 176 -11.88 30.56 -25.17
C GLY C 176 -12.42 31.62 -24.20
N LYS C 177 -13.24 31.26 -23.21
CA LYS C 177 -13.58 32.22 -22.12
C LYS C 177 -12.47 32.22 -21.10
N ALA C 178 -12.29 33.33 -20.34
CA ALA C 178 -11.52 33.30 -19.12
C ALA C 178 -12.46 32.84 -18.01
N LEU C 179 -11.88 32.43 -16.90
CA LEU C 179 -12.65 32.05 -15.69
C LEU C 179 -13.55 33.13 -15.29
N ALA C 180 -13.10 34.38 -15.42
CA ALA C 180 -13.87 35.48 -14.90
C ALA C 180 -15.18 35.66 -15.72
N ASP C 181 -15.24 35.03 -16.89
CA ASP C 181 -16.44 35.10 -17.75
C ASP C 181 -17.49 33.98 -17.48
N ILE C 182 -17.17 33.05 -16.61
CA ILE C 182 -17.96 31.80 -16.49
C ILE C 182 -18.90 31.97 -15.34
N GLN C 183 -20.13 31.44 -15.54
CA GLN C 183 -21.22 31.42 -14.59
C GLN C 183 -21.51 29.96 -14.21
N PHE C 184 -21.55 29.66 -12.92
CA PHE C 184 -21.83 28.29 -12.47
C PHE C 184 -22.60 28.27 -11.15
N ALA C 185 -23.38 27.21 -10.94
CA ALA C 185 -24.14 27.02 -9.70
C ALA C 185 -23.70 25.73 -9.07
N TYR C 186 -23.57 25.71 -7.76
CA TYR C 186 -23.29 24.51 -6.96
C TYR C 186 -24.60 24.27 -6.21
N LEU C 187 -25.13 23.06 -6.33
CA LEU C 187 -26.37 22.68 -5.65
C LEU C 187 -26.16 21.73 -4.51
N GLY C 188 -26.94 21.98 -3.43
CA GLY C 188 -27.02 21.07 -2.32
C GLY C 188 -26.41 21.59 -1.01
N ASP C 189 -25.44 20.85 -0.53
CA ASP C 189 -24.80 21.14 0.75
C ASP C 189 -23.63 22.11 0.52
N ALA C 190 -23.92 23.39 0.64
CA ALA C 190 -22.98 24.41 0.29
C ALA C 190 -21.91 24.65 1.35
N ARG C 191 -22.06 24.04 2.51
CA ARG C 191 -21.09 24.25 3.58
C ARG C 191 -20.12 23.10 3.77
N ASN C 192 -20.09 22.16 2.83
CA ASN C 192 -19.08 21.14 2.86
C ASN C 192 -17.79 21.65 2.25
N ASN C 193 -16.74 20.85 2.28
CA ASN C 193 -15.44 21.28 1.82
C ASN C 193 -15.43 21.75 0.37
N VAL C 194 -16.16 21.04 -0.48
CA VAL C 194 -16.18 21.38 -1.90
C VAL C 194 -16.94 22.69 -2.15
N GLY C 195 -18.06 22.88 -1.48
CA GLY C 195 -18.80 24.13 -1.60
C GLY C 195 -17.94 25.30 -1.08
N ASN C 196 -17.29 25.11 0.07
CA ASN C 196 -16.41 26.18 0.63
C ASN C 196 -15.32 26.58 -0.39
N SER C 197 -14.62 25.57 -0.88
CA SER C 197 -13.55 25.78 -1.84
C SER C 197 -13.95 26.38 -3.17
N LEU C 198 -15.10 25.96 -3.69
CA LEU C 198 -15.65 26.57 -4.92
C LEU C 198 -15.93 28.05 -4.71
N MET C 199 -16.50 28.38 -3.57
CA MET C 199 -16.78 29.80 -3.29
C MET C 199 -15.51 30.63 -3.21
N VAL C 200 -14.52 30.12 -2.47
CA VAL C 200 -13.23 30.84 -2.35
C VAL C 200 -12.60 30.97 -3.75
N GLY C 201 -12.57 29.87 -4.50
CA GLY C 201 -11.96 29.89 -5.82
C GLY C 201 -12.65 30.83 -6.80
N ALA C 202 -14.00 30.79 -6.78
CA ALA C 202 -14.79 31.64 -7.65
C ALA C 202 -14.48 33.11 -7.32
N ALA C 203 -14.39 33.44 -6.03
CA ALA C 203 -14.11 34.80 -5.58
C ALA C 203 -12.72 35.21 -6.11
N LYS C 204 -11.72 34.37 -5.86
CA LYS C 204 -10.33 34.63 -6.28
C LYS C 204 -10.24 34.93 -7.81
N MET C 205 -11.03 34.21 -8.62
CA MET C 205 -10.87 34.21 -10.06
C MET C 205 -11.91 35.14 -10.74
N GLY C 206 -12.71 35.88 -9.96
CA GLY C 206 -13.68 36.82 -10.53
C GLY C 206 -14.90 36.25 -11.18
N MET C 207 -15.25 35.03 -10.79
CA MET C 207 -16.36 34.25 -11.41
C MET C 207 -17.70 34.63 -10.80
N ASP C 208 -18.77 34.16 -11.46
CA ASP C 208 -20.10 34.34 -10.93
C ASP C 208 -20.55 32.98 -10.44
N ILE C 209 -20.55 32.81 -9.11
CA ILE C 209 -20.96 31.54 -8.48
C ILE C 209 -22.30 31.74 -7.79
N ARG C 210 -23.19 30.77 -8.01
CA ARG C 210 -24.43 30.65 -7.19
C ARG C 210 -24.41 29.42 -6.35
N LEU C 211 -24.71 29.56 -5.06
CA LEU C 211 -24.83 28.43 -4.14
CA LEU C 211 -24.84 28.45 -4.13
C LEU C 211 -26.34 28.27 -3.90
N VAL C 212 -26.88 27.12 -4.35
CA VAL C 212 -28.31 26.94 -4.47
C VAL C 212 -28.60 25.73 -3.58
N GLY C 213 -29.27 25.94 -2.44
CA GLY C 213 -29.54 24.90 -1.50
C GLY C 213 -30.29 25.45 -0.30
N PRO C 214 -30.59 24.59 0.64
CA PRO C 214 -31.27 25.06 1.84
C PRO C 214 -30.41 26.02 2.65
N GLN C 215 -31.02 27.08 3.17
CA GLN C 215 -30.25 28.10 3.91
C GLN C 215 -29.52 27.58 5.13
N ALA C 216 -30.04 26.53 5.77
CA ALA C 216 -29.34 25.94 6.93
C ALA C 216 -27.96 25.44 6.56
N TYR C 217 -27.78 25.07 5.29
CA TYR C 217 -26.50 24.54 4.77
C TYR C 217 -25.69 25.51 3.93
N TRP C 218 -26.02 26.82 3.97
CA TRP C 218 -25.16 27.80 3.29
C TRP C 218 -23.83 27.89 4.04
N PRO C 219 -22.77 28.35 3.38
CA PRO C 219 -21.48 28.46 4.06
C PRO C 219 -21.42 29.40 5.28
N ASP C 220 -20.41 29.18 6.11
CA ASP C 220 -20.21 29.94 7.32
C ASP C 220 -20.19 31.43 7.00
N GLU C 221 -20.85 32.23 7.84
CA GLU C 221 -20.95 33.67 7.62
C GLU C 221 -19.65 34.39 7.41
N GLU C 222 -18.62 34.03 8.19
CA GLU C 222 -17.30 34.69 8.09
C GLU C 222 -16.57 34.35 6.77
N LEU C 223 -16.72 33.10 6.33
CA LEU C 223 -16.18 32.67 5.05
C LEU C 223 -16.88 33.44 3.92
N VAL C 224 -18.20 33.58 4.02
CA VAL C 224 -18.94 34.30 2.96
C VAL C 224 -18.46 35.77 2.90
N ALA C 225 -18.28 36.40 4.07
CA ALA C 225 -17.88 37.82 4.15
C ALA C 225 -16.48 38.02 3.59
N ALA C 226 -15.58 37.11 3.92
CA ALA C 226 -14.22 37.08 3.34
C ALA C 226 -14.25 36.95 1.81
N CYS C 227 -15.06 36.03 1.32
CA CYS C 227 -15.12 35.80 -0.13
C CYS C 227 -15.77 36.99 -0.83
N GLN C 228 -16.79 37.61 -0.22
CA GLN C 228 -17.43 38.80 -0.81
C GLN C 228 -16.43 39.94 -0.87
N ALA C 229 -15.59 40.06 0.17
CA ALA C 229 -14.54 41.08 0.17
C ALA C 229 -13.58 40.83 -1.01
N ILE C 230 -13.21 39.58 -1.23
CA ILE C 230 -12.33 39.23 -2.33
C ILE C 230 -13.02 39.51 -3.67
N ALA C 231 -14.28 39.11 -3.79
CA ALA C 231 -15.07 39.23 -5.03
C ALA C 231 -15.24 40.68 -5.48
N LYS C 232 -15.33 41.61 -4.52
CA LYS C 232 -15.47 43.01 -4.90
C LYS C 232 -14.18 43.54 -5.57
N GLN C 233 -13.02 43.03 -5.18
CA GLN C 233 -11.79 43.35 -5.89
C GLN C 233 -11.59 42.66 -7.23
N THR C 234 -12.16 41.48 -7.45
CA THR C 234 -11.90 40.73 -8.68
C THR C 234 -13.02 40.80 -9.72
N GLY C 235 -14.14 41.41 -9.34
CA GLY C 235 -15.32 41.47 -10.20
C GLY C 235 -16.19 40.24 -10.12
N GLY C 236 -15.95 39.42 -9.10
CA GLY C 236 -16.71 38.23 -8.91
C GLY C 236 -18.07 38.51 -8.32
N LYS C 237 -18.96 37.53 -8.38
CA LYS C 237 -20.27 37.66 -7.81
C LYS C 237 -20.53 36.38 -7.04
N ILE C 238 -21.11 36.50 -5.84
CA ILE C 238 -21.50 35.34 -5.01
C ILE C 238 -22.97 35.46 -4.61
N THR C 239 -23.80 34.55 -5.09
CA THR C 239 -25.26 34.55 -4.81
C THR C 239 -25.60 33.35 -3.95
N LEU C 240 -26.26 33.56 -2.82
CA LEU C 240 -26.85 32.48 -2.07
C LEU C 240 -28.36 32.47 -2.29
N THR C 241 -28.95 31.31 -2.56
CA THR C 241 -30.37 31.28 -2.81
C THR C 241 -30.95 29.89 -2.57
N GLU C 242 -32.23 29.87 -2.19
CA GLU C 242 -32.96 28.64 -2.06
C GLU C 242 -33.75 28.36 -3.32
N ASN C 243 -33.78 29.31 -4.25
CA ASN C 243 -34.58 29.24 -5.45
C ASN C 243 -33.78 28.68 -6.62
N VAL C 244 -34.13 27.46 -7.03
CA VAL C 244 -33.45 26.79 -8.12
C VAL C 244 -33.52 27.53 -9.45
N ALA C 245 -34.71 27.91 -9.89
CA ALA C 245 -34.79 28.60 -11.18
C ALA C 245 -33.95 29.84 -11.27
N GLU C 246 -33.97 30.63 -10.21
CA GLU C 246 -33.23 31.88 -10.15
C GLU C 246 -31.73 31.62 -10.07
N GLY C 247 -31.35 30.60 -9.31
CA GLY C 247 -29.96 30.28 -9.12
C GLY C 247 -29.26 29.71 -10.32
N VAL C 248 -29.96 28.93 -11.12
CA VAL C 248 -29.31 28.21 -12.23
C VAL C 248 -29.45 28.92 -13.60
N GLN C 249 -30.21 29.99 -13.65
CA GLN C 249 -30.49 30.65 -14.94
C GLN C 249 -29.19 31.13 -15.58
N GLY C 250 -28.99 30.75 -16.84
CA GLY C 250 -27.83 31.15 -17.64
C GLY C 250 -26.53 30.49 -17.27
N CYS C 251 -26.53 29.49 -16.40
CA CYS C 251 -25.26 28.85 -16.00
C CYS C 251 -24.58 28.10 -17.13
N ASP C 252 -23.24 28.16 -17.19
CA ASP C 252 -22.46 27.33 -18.07
C ASP C 252 -22.29 25.93 -17.52
N PHE C 253 -22.18 25.85 -16.19
CA PHE C 253 -21.92 24.58 -15.48
C PHE C 253 -22.85 24.49 -14.29
N LEU C 254 -23.27 23.26 -14.02
CA LEU C 254 -23.95 22.90 -12.78
C LEU C 254 -23.10 21.86 -12.04
N TYR C 255 -22.93 22.07 -10.77
CA TYR C 255 -22.07 21.25 -9.95
C TYR C 255 -22.82 20.75 -8.75
N THR C 256 -22.58 19.50 -8.37
CA THR C 256 -23.09 19.03 -7.08
C THR C 256 -22.13 18.01 -6.41
N ASP C 257 -22.50 17.56 -5.21
CA ASP C 257 -21.68 16.68 -4.40
C ASP C 257 -22.61 15.95 -3.47
N VAL C 258 -22.10 14.92 -2.81
CA VAL C 258 -22.92 14.14 -1.89
C VAL C 258 -23.47 15.02 -0.76
N TRP C 259 -24.67 14.71 -0.29
CA TRP C 259 -25.28 15.51 0.74
C TRP C 259 -24.74 15.26 2.19
N VAL C 260 -24.03 14.13 2.38
CA VAL C 260 -23.40 13.78 3.66
C VAL C 260 -21.98 13.36 3.31
N SER C 261 -21.01 14.03 3.90
CA SER C 261 -19.59 13.87 3.56
C SER C 261 -18.88 12.89 4.46
N MET C 262 -17.70 12.47 4.01
CA MET C 262 -16.88 11.58 4.81
C MET C 262 -16.68 12.13 6.24
N GLY C 263 -16.86 11.24 7.19
CA GLY C 263 -16.65 11.55 8.61
C GLY C 263 -17.94 11.97 9.29
N GLU C 264 -18.93 12.35 8.51
CA GLU C 264 -20.19 12.75 9.10
C GLU C 264 -21.02 11.50 9.48
N SER C 265 -21.86 11.67 10.47
CA SER C 265 -22.80 10.60 10.83
C SER C 265 -23.87 10.30 9.78
N PRO C 266 -24.10 9.01 9.49
CA PRO C 266 -25.29 8.71 8.68
C PRO C 266 -26.61 9.16 9.24
N GLU C 267 -26.70 9.57 10.49
CA GLU C 267 -27.94 10.20 10.89
C GLU C 267 -28.20 11.51 10.18
N ALA C 268 -27.15 12.11 9.60
CA ALA C 268 -27.33 13.32 8.79
C ALA C 268 -28.29 13.10 7.58
N TRP C 269 -28.38 11.86 7.04
CA TRP C 269 -29.22 11.62 5.88
C TRP C 269 -30.67 11.92 6.30
N ASP C 270 -31.06 11.49 7.50
CA ASP C 270 -32.42 11.74 8.01
C ASP C 270 -32.69 13.23 8.13
N GLU C 271 -31.67 13.98 8.52
CA GLU C 271 -31.79 15.43 8.72
C GLU C 271 -31.81 16.17 7.41
N ARG C 272 -31.14 15.63 6.37
CA ARG C 272 -30.89 16.35 5.11
C ARG C 272 -31.64 15.95 3.86
N VAL C 273 -32.09 14.68 3.73
CA VAL C 273 -32.66 14.28 2.46
C VAL C 273 -33.89 15.12 2.16
N ALA C 274 -34.71 15.38 3.17
CA ALA C 274 -35.91 16.17 2.90
C ALA C 274 -35.56 17.60 2.46
N LEU C 275 -34.55 18.20 3.09
CA LEU C 275 -34.12 19.54 2.78
C LEU C 275 -33.38 19.67 1.45
N MET C 276 -32.67 18.63 1.05
CA MET C 276 -31.85 18.67 -0.17
C MET C 276 -32.51 18.15 -1.43
N LYS C 277 -33.50 17.30 -1.29
CA LYS C 277 -34.12 16.71 -2.44
C LYS C 277 -34.59 17.69 -3.52
N PRO C 278 -35.06 18.90 -3.15
CA PRO C 278 -35.41 19.83 -4.20
C PRO C 278 -34.22 20.34 -5.03
N TYR C 279 -33.00 20.10 -4.55
CA TYR C 279 -31.77 20.54 -5.16
C TYR C 279 -31.03 19.41 -5.89
N GLN C 280 -31.72 18.26 -6.04
CA GLN C 280 -31.15 17.18 -6.86
C GLN C 280 -30.97 17.73 -8.25
N VAL C 281 -29.82 17.39 -8.87
CA VAL C 281 -29.59 17.78 -10.24
C VAL C 281 -30.23 16.71 -11.14
N ASN C 282 -31.33 17.05 -11.73
CA ASN C 282 -32.03 16.20 -12.66
C ASN C 282 -32.26 17.00 -13.96
N MET C 283 -32.93 16.39 -14.94
CA MET C 283 -33.03 17.04 -16.23
C MET C 283 -33.81 18.33 -16.18
N ASN C 284 -34.73 18.44 -15.26
CA ASN C 284 -35.49 19.66 -15.11
C ASN C 284 -34.62 20.81 -14.69
N VAL C 285 -33.63 20.54 -13.84
CA VAL C 285 -32.70 21.54 -13.40
C VAL C 285 -31.85 22.00 -14.60
N LEU C 286 -31.32 21.05 -15.40
CA LEU C 286 -30.62 21.44 -16.60
C LEU C 286 -31.45 22.31 -17.55
N LYS C 287 -32.71 21.94 -17.73
CA LYS C 287 -33.61 22.72 -18.56
C LYS C 287 -33.85 24.15 -18.04
N GLN C 288 -33.91 24.32 -16.71
CA GLN C 288 -34.07 25.64 -16.08
C GLN C 288 -32.90 26.63 -16.31
N THR C 289 -31.74 26.12 -16.70
CA THR C 289 -30.63 27.01 -17.09
C THR C 289 -30.94 27.80 -18.33
N GLY C 290 -31.79 27.23 -19.20
CA GLY C 290 -32.02 27.77 -20.47
C GLY C 290 -30.86 27.62 -21.45
N ASN C 291 -29.84 26.82 -21.08
CA ASN C 291 -28.63 26.77 -21.85
C ASN C 291 -28.50 25.36 -22.45
N PRO C 292 -28.74 25.22 -23.75
CA PRO C 292 -28.63 23.90 -24.35
C PRO C 292 -27.26 23.22 -24.21
N ASN C 293 -26.21 24.00 -24.00
CA ASN C 293 -24.85 23.47 -23.82
C ASN C 293 -24.42 23.41 -22.37
N VAL C 294 -25.37 23.44 -21.43
CA VAL C 294 -25.00 23.36 -19.98
C VAL C 294 -24.23 22.06 -19.76
N LYS C 295 -23.13 22.14 -18.98
CA LYS C 295 -22.34 20.96 -18.58
C LYS C 295 -22.49 20.67 -17.09
N PHE C 296 -22.52 19.40 -16.77
CA PHE C 296 -22.69 18.92 -15.40
C PHE C 296 -21.33 18.41 -14.85
N MET C 297 -21.02 18.88 -13.62
CA MET C 297 -19.82 18.53 -12.90
C MET C 297 -20.15 17.97 -11.53
N HIS C 298 -19.26 17.13 -11.02
CA HIS C 298 -19.40 16.52 -9.71
C HIS C 298 -17.98 16.11 -9.34
N CYS C 299 -17.55 16.39 -8.14
CA CYS C 299 -16.18 16.02 -7.68
C CYS C 299 -15.89 14.54 -7.62
N LEU C 300 -16.98 13.79 -7.41
CA LEU C 300 -17.00 12.34 -7.25
C LEU C 300 -16.37 11.99 -5.89
N PRO C 301 -16.71 10.82 -5.34
CA PRO C 301 -17.66 9.83 -5.83
C PRO C 301 -19.11 10.32 -5.72
N ALA C 302 -19.95 9.83 -6.59
CA ALA C 302 -21.35 10.30 -6.66
C ALA C 302 -22.29 9.16 -6.39
N PHE C 303 -23.45 9.49 -5.79
CA PHE C 303 -24.52 8.52 -5.62
C PHE C 303 -25.59 8.74 -6.67
N HIS C 304 -25.51 8.04 -7.81
CA HIS C 304 -26.49 8.28 -8.90
C HIS C 304 -27.29 7.07 -9.23
N ASN C 305 -27.13 6.00 -8.49
CA ASN C 305 -27.86 4.75 -8.77
C ASN C 305 -27.69 3.81 -7.58
N ASP C 306 -28.05 2.53 -7.74
CA ASP C 306 -27.96 1.57 -6.66
C ASP C 306 -26.74 0.67 -6.75
N GLU C 307 -25.67 1.14 -7.40
CA GLU C 307 -24.52 0.29 -7.64
C GLU C 307 -23.41 0.55 -6.63
N THR C 308 -23.73 1.18 -5.49
CA THR C 308 -22.86 1.27 -4.35
C THR C 308 -23.64 0.80 -3.12
N THR C 309 -22.93 0.33 -2.12
CA THR C 309 -23.62 -0.21 -0.93
C THR C 309 -24.32 0.96 -0.17
N ILE C 310 -23.63 2.09 0.00
CA ILE C 310 -24.22 3.21 0.72
C ILE C 310 -25.36 3.85 -0.11
N GLY C 311 -25.13 4.07 -1.41
CA GLY C 311 -26.14 4.73 -2.24
C GLY C 311 -27.40 3.90 -2.27
N LYS C 312 -27.22 2.59 -2.36
CA LYS C 312 -28.40 1.71 -2.36
C LYS C 312 -29.15 1.77 -1.02
N GLN C 313 -28.42 1.71 0.09
CA GLN C 313 -29.06 1.80 1.44
C GLN C 313 -29.87 3.09 1.60
N VAL C 314 -29.31 4.23 1.17
CA VAL C 314 -29.96 5.50 1.37
C VAL C 314 -31.15 5.57 0.43
N ALA C 315 -30.90 5.22 -0.84
CA ALA C 315 -31.93 5.33 -1.85
C ALA C 315 -33.12 4.47 -1.39
N ASP C 316 -32.87 3.26 -0.95
CA ASP C 316 -33.96 2.37 -0.46
C ASP C 316 -34.76 2.92 0.71
N LYS C 317 -34.09 3.56 1.66
CA LYS C 317 -34.75 4.07 2.86
C LYS C 317 -35.65 5.26 2.55
N PHE C 318 -35.23 6.08 1.59
CA PHE C 318 -35.95 7.29 1.24
C PHE C 318 -36.74 7.12 -0.07
N GLY C 319 -36.69 5.95 -0.70
CA GLY C 319 -37.51 5.71 -1.91
C GLY C 319 -37.04 6.46 -3.14
N MET C 320 -35.73 6.57 -3.26
CA MET C 320 -35.10 7.35 -4.33
C MET C 320 -34.32 6.50 -5.25
N LYS C 321 -34.00 7.08 -6.40
CA LYS C 321 -33.18 6.47 -7.42
C LYS C 321 -32.24 7.63 -7.85
N GLY C 322 -31.01 7.48 -7.48
CA GLY C 322 -30.05 8.60 -7.46
C GLY C 322 -30.40 9.62 -6.38
N LEU C 323 -29.36 10.17 -5.76
CA LEU C 323 -29.51 11.14 -4.70
C LEU C 323 -29.25 12.55 -5.23
N GLU C 324 -28.01 13.02 -5.15
CA GLU C 324 -27.71 14.42 -5.54
C GLU C 324 -27.83 14.66 -7.05
N VAL C 325 -27.73 13.58 -7.84
CA VAL C 325 -27.86 13.62 -9.30
C VAL C 325 -28.53 12.33 -9.76
N THR C 326 -29.31 12.43 -10.81
CA THR C 326 -29.92 11.24 -11.37
C THR C 326 -28.96 10.56 -12.36
N GLU C 327 -29.22 9.29 -12.63
CA GLU C 327 -28.46 8.51 -13.59
C GLU C 327 -28.55 9.16 -14.98
N GLU C 328 -29.76 9.62 -15.34
CA GLU C 328 -29.98 10.26 -16.62
CA GLU C 328 -30.00 10.27 -16.62
C GLU C 328 -29.04 11.44 -16.85
N VAL C 329 -28.90 12.32 -15.84
CA VAL C 329 -27.90 13.45 -15.96
C VAL C 329 -26.46 12.96 -15.94
N PHE C 330 -26.16 12.07 -15.00
CA PHE C 330 -24.80 11.69 -14.72
C PHE C 330 -24.17 11.03 -15.94
N GLU C 331 -24.97 10.28 -16.68
CA GLU C 331 -24.49 9.53 -17.85
C GLU C 331 -24.78 10.22 -19.18
N SER C 332 -25.37 11.41 -19.11
CA SER C 332 -25.74 12.17 -20.33
C SER C 332 -24.51 12.80 -21.02
N GLU C 333 -24.75 13.29 -22.24
CA GLU C 333 -23.75 14.05 -22.99
C GLU C 333 -23.41 15.39 -22.32
N HIS C 334 -24.23 15.84 -21.35
CA HIS C 334 -23.92 17.06 -20.62
C HIS C 334 -22.88 16.82 -19.52
N SER C 335 -22.67 15.55 -19.16
CA SER C 335 -21.79 15.20 -18.05
C SER C 335 -20.33 15.20 -18.43
N ILE C 336 -19.48 15.94 -17.68
CA ILE C 336 -18.06 16.03 -17.96
C ILE C 336 -17.25 15.52 -16.76
N VAL C 337 -17.91 14.67 -15.95
CA VAL C 337 -17.31 14.27 -14.67
C VAL C 337 -16.02 13.47 -14.88
N PHE C 338 -15.89 12.74 -15.99
CA PHE C 338 -14.64 11.94 -16.14
C PHE C 338 -13.47 12.80 -16.67
N ASP C 339 -13.76 13.83 -17.44
CA ASP C 339 -12.75 14.81 -17.81
C ASP C 339 -12.23 15.55 -16.54
N GLU C 340 -13.17 15.90 -15.67
CA GLU C 340 -12.88 16.59 -14.39
C GLU C 340 -11.99 15.69 -13.54
N ALA C 341 -12.36 14.41 -13.42
CA ALA C 341 -11.56 13.42 -12.68
C ALA C 341 -10.13 13.27 -13.24
N GLU C 342 -9.98 13.15 -14.55
CA GLU C 342 -8.64 13.11 -15.14
C GLU C 342 -7.83 14.32 -14.72
N ASN C 343 -8.46 15.50 -14.77
CA ASN C 343 -7.76 16.76 -14.46
C ASN C 343 -7.32 16.89 -12.99
N ARG C 344 -7.81 16.01 -12.11
CA ARG C 344 -7.27 15.93 -10.78
C ARG C 344 -5.76 15.65 -10.88
N MET C 345 -5.37 14.74 -11.77
CA MET C 345 -3.97 14.38 -11.84
C MET C 345 -3.10 15.51 -12.37
N HIS C 346 -3.51 16.13 -13.48
CA HIS C 346 -2.72 17.18 -14.10
C HIS C 346 -2.51 18.37 -13.14
N THR C 347 -3.53 18.69 -12.37
CA THR C 347 -3.45 19.84 -11.43
C THR C 347 -2.66 19.56 -10.16
N ILE C 348 -2.79 18.35 -9.62
CA ILE C 348 -1.92 17.87 -8.55
C ILE C 348 -0.48 17.82 -9.00
N LYS C 349 -0.23 17.39 -10.26
CA LYS C 349 1.10 17.48 -10.77
C LYS C 349 1.62 18.90 -10.79
N ALA C 350 0.81 19.81 -11.26
CA ALA C 350 1.22 21.24 -11.25
C ALA C 350 1.56 21.72 -9.81
N VAL C 351 0.74 21.36 -8.82
CA VAL C 351 1.03 21.78 -7.42
C VAL C 351 2.41 21.27 -6.98
N MET C 352 2.65 19.99 -7.21
CA MET C 352 3.94 19.40 -6.81
C MET C 352 5.14 19.98 -7.57
N VAL C 353 5.00 20.13 -8.89
CA VAL C 353 6.06 20.72 -9.71
C VAL C 353 6.36 22.15 -9.28
N ALA C 354 5.34 22.95 -9.05
CA ALA C 354 5.54 24.36 -8.65
C ALA C 354 6.24 24.47 -7.28
N THR C 355 5.84 23.56 -6.34
CA THR C 355 6.31 23.69 -4.97
C THR C 355 7.61 22.89 -4.72
N LEU C 356 7.89 21.86 -5.53
CA LEU C 356 8.99 20.97 -5.26
C LEU C 356 9.93 20.73 -6.47
N GLY C 357 9.57 21.24 -7.64
CA GLY C 357 10.22 20.87 -8.88
C GLY C 357 11.57 21.56 -9.01
N SER C 358 12.47 20.92 -9.73
CA SER C 358 13.87 21.34 -9.86
C SER C 358 14.22 22.65 -9.10
N NVA D . -9.28 -21.60 -5.68
CA NVA D . -8.44 -20.69 -4.85
CB NVA D . -7.32 -20.11 -5.71
CG NVA D . -6.48 -19.09 -4.94
CD NVA D . -5.22 -18.64 -5.74
C NVA D . -9.29 -19.58 -4.32
O NVA D . -10.11 -18.97 -5.06
OXT NVA D . -9.21 -19.30 -3.08
N CP E . -1.91 -18.69 -6.78
C CP E . -2.33 -17.51 -6.38
O CP E . -2.97 -16.70 -7.09
O4P CP E . -1.92 -17.09 -5.08
P CP E . -2.35 -15.75 -4.30
O1P CP E . -3.76 -15.88 -3.78
O2P CP E . -1.25 -15.70 -3.22
O3P CP E . -2.16 -14.62 -5.29
O1 PE5 F . 16.26 -25.46 3.92
C1 PE5 F . 15.81 -24.41 4.74
C2 PE5 F . 16.35 -24.51 6.14
O2 PE5 F . 15.60 -25.47 6.87
C3 PE5 F . 15.76 -25.36 8.25
C4 PE5 F . 14.73 -26.21 8.98
O3 PE5 F . 14.53 -27.48 8.42
C5 PE5 F . 13.38 -28.13 8.99
C6 PE5 F . 12.96 -29.31 8.12
O4 PE5 F . 12.16 -28.94 7.00
C7 PE5 F . 10.88 -28.39 7.33
C8 PE5 F . 9.96 -28.33 6.12
O5 PE5 F . 10.67 -27.82 4.99
C9 PE5 F . 11.21 -28.87 4.18
C10 PE5 F . 12.24 -28.31 3.23
O6 PE5 F . 12.01 -28.98 2.00
C1 PEG G . -13.74 -2.98 -25.91
O1 PEG G . -14.11 -1.91 -25.01
C2 PEG G . -12.40 -3.65 -25.57
O2 PEG G . -11.66 -2.79 -24.69
C3 PEG G . -10.36 -2.46 -25.15
C4 PEG G . -10.41 -1.11 -25.85
O4 PEG G . -10.92 -0.02 -25.03
C1 PEG H . -17.20 -18.09 -4.60
O1 PEG H . -16.93 -17.16 -3.54
C2 PEG H . -15.93 -18.85 -4.92
O2 PEG H . -16.22 -20.05 -5.66
C3 PEG H . -16.83 -19.71 -6.91
C4 PEG H . -17.15 -20.81 -7.90
O4 PEG H . -18.15 -20.27 -8.83
C1 PEG I . 6.61 -41.86 -6.42
O1 PEG I . 6.42 -42.60 -5.22
C2 PEG I . 5.49 -42.19 -7.36
O2 PEG I . 5.94 -42.81 -8.56
C3 PEG I . 5.23 -44.00 -8.78
C4 PEG I . 5.80 -44.82 -9.89
O4 PEG I . 5.67 -46.20 -9.54
CL CL J . -9.49 -18.66 -17.63
C1 PEG K . -10.85 -42.52 -17.34
O1 PEG K . -12.28 -42.61 -17.36
C2 PEG K . -10.38 -42.10 -18.71
O2 PEG K . -8.96 -41.98 -18.73
C3 PEG K . -8.48 -40.89 -19.52
C4 PEG K . -8.91 -41.02 -20.97
O4 PEG K . -7.82 -40.75 -21.86
C1 PEG L . -5.05 -46.77 -1.93
O1 PEG L . -4.95 -45.33 -1.98
C2 PEG L . -3.83 -47.57 -2.35
O2 PEG L . -3.28 -47.12 -3.58
C3 PEG L . -2.40 -48.01 -4.27
C4 PEG L . -1.09 -47.33 -4.61
O4 PEG L . -0.37 -48.17 -5.53
O2 PEG M . -6.07 -39.18 4.39
C3 PEG M . -6.99 -39.29 3.33
C4 PEG M . -6.53 -40.20 2.18
O4 PEG M . -7.28 -39.85 0.98
CL CL N . 1.78 -39.02 1.70
C1 PEG O . -20.17 10.85 -18.81
O1 PEG O . -20.62 10.14 -17.65
C2 PEG O . -19.21 10.05 -19.69
O2 PEG O . -19.74 8.80 -20.18
C3 PEG O . -18.72 7.78 -20.36
C4 PEG O . -19.34 6.47 -20.84
O4 PEG O . -18.47 5.32 -20.91
C1 PEG P . 8.30 -14.43 -28.66
O1 PEG P . 9.56 -14.03 -29.21
C2 PEG P . 7.79 -15.66 -29.38
O2 PEG P . 8.87 -16.57 -29.67
C3 PEG P . 9.08 -16.80 -31.07
C4 PEG P . 10.55 -17.10 -31.32
O4 PEG P . 10.73 -18.02 -32.41
N NVA Q . 9.13 -1.25 22.36
CA NVA Q . 8.34 -0.55 21.24
CB NVA Q . 9.29 -0.07 20.13
CG NVA Q . 8.51 0.54 18.91
CD NVA Q . 9.49 0.98 17.86
C NVA Q . 7.28 -1.53 20.70
O NVA Q . 7.54 -2.72 20.48
OXT NVA Q . 6.13 -1.10 20.57
N CP R . 11.25 3.42 16.25
C CP R . 10.45 2.68 15.44
O CP R . 10.76 1.63 14.93
O4P CP R . 9.27 3.39 15.16
P CP R . 8.08 2.77 14.17
O1P CP R . 7.34 1.84 15.07
O2P CP R . 7.32 4.04 13.85
O3P CP R . 8.70 2.08 13.07
C1 PEG S . -0.80 7.44 39.80
O1 PEG S . -0.01 6.38 40.33
C2 PEG S . 0.10 8.49 39.18
O2 PEG S . 0.28 9.60 40.06
C3 PEG S . 0.75 10.77 39.39
C4 PEG S . 1.56 11.57 40.36
O4 PEG S . 2.64 10.78 40.87
CL CL T . 19.29 -6.93 18.30
C1 PEG U . 19.23 19.68 33.28
O1 PEG U . 18.73 21.03 33.37
C2 PEG U . 20.65 19.63 32.77
O2 PEG U . 21.44 18.79 33.62
C3 PEG U . 21.89 19.45 34.77
C4 PEG U . 22.98 18.63 35.39
O4 PEG U . 23.77 19.47 36.25
CL CL V . 10.05 17.63 33.44
C1 PEG W . -2.24 -21.45 14.76
O1 PEG W . -3.00 -22.17 15.74
C2 PEG W . -0.97 -22.19 14.38
O2 PEG W . -0.43 -21.59 13.19
C3 PEG W . 0.51 -20.56 13.49
C4 PEG W . 0.84 -19.70 12.28
O4 PEG W . -0.20 -18.74 12.00
C1 PEG X . 33.05 3.48 29.63
O1 PEG X . 32.31 3.38 28.39
C2 PEG X . 33.33 2.10 30.24
O2 PEG X . 33.11 0.99 29.34
C1 PEG Y . 26.91 12.46 9.61
O1 PEG Y . 27.00 11.14 10.20
C2 PEG Y . 27.43 12.37 8.17
O2 PEG Y . 27.37 13.63 7.42
C3 PEG Y . 26.80 14.82 8.01
C4 PEG Y . 26.84 15.95 6.97
O1 PE5 Z . 9.64 -10.75 24.49
C1 PE5 Z . 8.75 -10.04 25.33
C2 PE5 Z . 8.59 -8.64 24.81
O2 PE5 Z . 7.44 -8.65 23.96
C3 PE5 Z . 6.60 -7.51 24.05
C4 PE5 Z . 5.70 -7.63 22.84
O3 PE5 Z . 4.89 -8.79 23.02
C5 PE5 Z . 3.76 -8.82 22.14
C6 PE5 Z . 3.19 -10.25 21.97
O4 PE5 Z . 3.21 -11.00 23.17
C1 PEG AA . 32.10 -9.27 18.73
O1 PEG AA . 33.41 -9.22 18.19
C2 PEG AA . 31.97 -10.13 19.98
O2 PEG AA . 30.68 -10.72 20.06
C3 PEG AA . 30.62 -12.12 20.55
N NVA BA . -17.68 16.51 0.21
CA NVA BA . -17.08 15.16 -0.06
CB NVA BA . -15.89 15.33 -1.01
CG NVA BA . -15.21 14.05 -1.37
CD NVA BA . -14.14 14.14 -2.47
C NVA BA . -16.60 14.56 1.24
O NVA BA . -15.89 15.26 2.02
OXT NVA BA . -16.94 13.36 1.46
CL CL CA . -9.63 25.85 -0.63
N CP DA . -12.96 14.02 -5.65
C CP DA . -12.16 13.38 -4.78
O CP DA . -11.32 13.92 -4.04
O4P CP DA . -12.37 12.00 -4.79
P CP DA . -11.64 10.91 -3.73
O1P CP DA . -10.16 11.28 -3.71
O2P CP DA . -12.38 11.02 -2.44
O3P CP DA . -11.84 9.68 -4.52
O1 PE5 EA . -17.88 21.26 9.19
C1 PE5 EA . -17.40 21.36 7.86
C2 PE5 EA . -17.92 20.19 7.07
O2 PE5 EA . -17.46 18.99 7.70
C3 PE5 EA . -17.87 17.79 7.05
C4 PE5 EA . -16.91 16.70 7.41
O3 PE5 EA . -16.92 16.60 8.84
C5 PE5 EA . -16.33 15.36 9.32
C6 PE5 EA . -16.22 15.35 10.86
O4 PE5 EA . -17.26 16.09 11.53
C7 PE5 EA . -16.78 17.01 12.52
C1 PEG FA . -29.25 35.21 -9.64
O1 PEG FA . -30.05 35.24 -8.46
C2 PEG FA . -28.23 36.34 -9.64
O2 PEG FA . -27.00 35.91 -10.20
C3 PEG FA . -26.33 36.93 -10.98
C1 PEG GA . -31.91 23.99 -21.92
O1 PEG GA . -33.11 24.30 -22.68
C2 PEG GA . -31.67 22.58 -22.26
O2 PEG GA . -30.73 21.93 -21.44
C3 PEG GA . -31.27 20.70 -20.93
C4 PEG GA . -31.28 19.62 -21.99
O4 PEG GA . -32.21 18.59 -21.61
C1 PEG HA . -27.84 5.94 -19.58
O1 PEG HA . -29.03 6.75 -19.58
C2 PEG HA . -26.99 6.20 -20.83
O2 PEG HA . -25.63 5.74 -20.75
C3 PEG HA . -25.37 4.37 -20.43
C4 PEG HA . -25.31 4.14 -18.92
O4 PEG HA . -24.50 3.02 -18.53
CL CL IA . -33.38 13.20 -14.72
C1 PEG JA . -20.79 8.55 4.44
O1 PEG JA . -19.65 9.38 4.17
C2 PEG JA . -20.80 8.42 5.94
O2 PEG JA . -19.81 7.43 6.22
C3 PEG JA . -18.71 7.93 6.99
C4 PEG JA . -17.64 8.22 5.94
O4 PEG JA . -16.30 8.29 6.40
#